data_7EIY
#
_entry.id   7EIY
#
_cell.length_a   57.930
_cell.length_b   84.998
_cell.length_c   187.417
_cell.angle_alpha   90.000
_cell.angle_beta   90.000
_cell.angle_gamma   90.000
#
_symmetry.space_group_name_H-M   'P 21 21 21'
#
loop_
_entity.id
_entity.type
_entity.pdbx_description
1 polymer 'Histidine decarboxylase'
2 non-polymer "PYRIDOXAL-5'-PHOSPHATE"
3 non-polymer HISTIDINE
4 non-polymer 'SULFATE ION'
5 water water
#
_entity_poly.entity_id   1
_entity_poly.type   'polypeptide(L)'
_entity_poly.pdbx_seq_one_letter_code
;GPLGSMEPEEYRERGREMVDYICQYLSTVRERRVTPDVQPGYLRAQLPESAPEDPDSWDSIFGDIERIIMPGVVHWQSPH
MHAYYPALTSWPSLLGDMLADAINCLGFTWASSPACTELEMNVMDWLAKMLGLPEHFLHHHPSSQGGGVLQSTVSESTLI
ALLAARKNKILEMKTSEPDADESSLNARLVAYASDQAHSSVEKAGLISLVKMKFLPVDDNFSLRGEALQKAIEEDKQRGL
VPVFVCATLGTTGVCAFD(CSX)LSELGPICAREGLWLHIDAAYAGTAFLCPEFRGFLKGIEYADSFTFNPSKWMMVHFD
CTGFWVKDKYKLQQTFSVNPIYLRHANSGVATDFMHWQIPLSRRFRSVKLWFVIRSFGVKNLQAHVRHGTEMAKYFESLV
RNDPSFEIPAKRHLGLVVFRLKGPNSLTENVLKEIAKAGRLFLIPATIQDKLIIRFTVTSQFTTRDDILRDWNLIRDAAT
LILSQ
;
_entity_poly.pdbx_strand_id   A,B
#
# COMPACT_ATOMS: atom_id res chain seq x y z
N MET A 6 18.34 -21.47 -1.26
CA MET A 6 17.76 -22.76 -1.47
C MET A 6 17.62 -23.04 -2.98
N GLU A 7 17.85 -24.28 -3.38
CA GLU A 7 17.54 -24.78 -4.74
C GLU A 7 16.04 -24.81 -5.03
N PRO A 8 15.64 -24.74 -6.32
CA PRO A 8 14.21 -24.95 -6.67
C PRO A 8 13.64 -26.26 -6.05
N GLU A 9 14.44 -27.36 -6.00
CA GLU A 9 13.98 -28.67 -5.46
C GLU A 9 13.59 -28.50 -3.99
N GLU A 10 14.36 -27.67 -3.25
CA GLU A 10 14.15 -27.38 -1.81
CA GLU A 10 14.15 -27.40 -1.80
C GLU A 10 12.91 -26.52 -1.64
N TYR A 11 12.72 -25.48 -2.48
CA TYR A 11 11.50 -24.64 -2.45
C TYR A 11 10.27 -25.55 -2.65
N ARG A 12 10.28 -26.55 -3.54
CA ARG A 12 9.06 -27.36 -3.74
C ARG A 12 8.76 -28.07 -2.43
N GLU A 13 9.78 -28.58 -1.69
CA GLU A 13 9.55 -29.22 -0.34
C GLU A 13 9.03 -28.19 0.68
N ARG A 14 9.69 -27.03 0.76
CA ARG A 14 9.41 -26.06 1.86
C ARG A 14 8.05 -25.41 1.59
N GLY A 15 7.71 -25.22 0.29
CA GLY A 15 6.36 -24.75 -0.10
C GLY A 15 5.28 -25.71 0.40
N ARG A 16 5.52 -27.02 0.27
CA ARG A 16 4.60 -28.09 0.74
C ARG A 16 4.52 -28.04 2.26
N GLU A 17 5.68 -27.88 2.87
CA GLU A 17 5.81 -27.71 4.32
C GLU A 17 4.99 -26.45 4.76
N MET A 18 5.06 -25.33 4.05
CA MET A 18 4.32 -24.12 4.46
C MET A 18 2.82 -24.29 4.20
N VAL A 19 2.44 -24.90 3.08
CA VAL A 19 1.01 -25.22 2.82
C VAL A 19 0.41 -26.06 3.96
N ASP A 20 1.09 -27.15 4.34
CA ASP A 20 0.59 -28.07 5.40
C ASP A 20 0.55 -27.32 6.75
N TYR A 21 1.57 -26.54 7.05
CA TYR A 21 1.54 -25.71 8.29
C TYR A 21 0.32 -24.79 8.31
N ILE A 22 0.02 -24.19 7.17
CA ILE A 22 -1.03 -23.18 7.05
C ILE A 22 -2.37 -23.88 7.17
N CYS A 23 -2.54 -25.01 6.53
CA CYS A 23 -3.82 -25.75 6.56
C CYS A 23 -4.14 -26.13 8.00
N GLN A 24 -3.15 -26.67 8.73
CA GLN A 24 -3.26 -27.01 10.15
C GLN A 24 -3.59 -25.75 11.01
N TYR A 25 -2.77 -24.71 10.89
CA TYR A 25 -2.91 -23.45 11.63
C TYR A 25 -4.35 -22.95 11.48
N LEU A 26 -4.82 -22.79 10.26
CA LEU A 26 -6.17 -22.21 10.03
C LEU A 26 -7.23 -23.20 10.49
N SER A 27 -7.01 -24.49 10.32
CA SER A 27 -8.03 -25.51 10.74
C SER A 27 -8.17 -25.60 12.27
N THR A 28 -7.11 -25.36 13.05
CA THR A 28 -7.09 -25.65 14.50
C THR A 28 -7.03 -24.33 15.26
N VAL A 29 -7.39 -23.20 14.64
CA VAL A 29 -7.12 -21.83 15.22
C VAL A 29 -7.96 -21.56 16.46
N ARG A 30 -9.07 -22.22 16.65
CA ARG A 30 -9.87 -22.05 17.89
C ARG A 30 -9.06 -22.49 19.14
N GLU A 31 -8.10 -23.40 19.01
CA GLU A 31 -7.34 -23.88 20.20
C GLU A 31 -6.34 -22.81 20.65
N ARG A 32 -6.09 -21.76 19.87
CA ARG A 32 -5.08 -20.74 20.26
C ARG A 32 -5.73 -19.76 21.21
N ARG A 33 -4.95 -19.26 22.13
CA ARG A 33 -5.29 -18.03 22.89
C ARG A 33 -5.42 -16.93 21.87
N VAL A 34 -6.50 -16.18 21.73
CA VAL A 34 -6.64 -15.20 20.60
C VAL A 34 -5.64 -14.06 20.77
N THR A 35 -5.51 -13.51 21.96
CA THR A 35 -4.61 -12.36 22.20
C THR A 35 -3.38 -12.89 22.88
N PRO A 36 -2.16 -12.49 22.47
CA PRO A 36 -0.98 -12.96 23.21
C PRO A 36 -0.87 -12.32 24.61
N ASP A 37 -0.28 -13.05 25.54
CA ASP A 37 0.14 -12.48 26.85
C ASP A 37 1.63 -12.06 26.73
N VAL A 38 1.91 -10.85 26.26
CA VAL A 38 3.31 -10.38 26.01
C VAL A 38 3.32 -8.94 26.45
N GLN A 39 4.48 -8.46 26.83
CA GLN A 39 4.63 -7.02 27.16
C GLN A 39 5.37 -6.39 25.99
N PRO A 40 5.11 -5.12 25.69
CA PRO A 40 5.93 -4.36 24.73
C PRO A 40 7.43 -4.55 24.96
N GLY A 41 8.22 -4.84 23.90
CA GLY A 41 9.67 -5.00 24.01
C GLY A 41 10.08 -6.46 24.09
N TYR A 42 9.13 -7.37 24.33
CA TYR A 42 9.26 -8.83 24.53
C TYR A 42 10.16 -9.46 23.46
N LEU A 43 10.06 -9.06 22.19
CA LEU A 43 10.71 -9.87 21.11
C LEU A 43 12.22 -9.57 20.96
N ARG A 44 12.70 -8.40 21.36
CA ARG A 44 14.11 -8.03 21.14
C ARG A 44 15.11 -9.04 21.77
N ALA A 45 14.96 -9.43 23.04
CA ALA A 45 15.87 -10.41 23.67
C ALA A 45 15.74 -11.77 22.98
N GLN A 46 14.72 -12.01 22.17
CA GLN A 46 14.54 -13.29 21.44
C GLN A 46 15.27 -13.30 20.09
N LEU A 47 15.67 -12.15 19.57
CA LEU A 47 16.35 -12.08 18.26
C LEU A 47 17.78 -11.62 18.47
N PRO A 48 18.74 -12.08 17.65
CA PRO A 48 20.07 -11.44 17.53
C PRO A 48 20.03 -9.93 17.23
N GLU A 49 21.08 -9.23 17.59
CA GLU A 49 21.20 -7.75 17.49
C GLU A 49 21.52 -7.39 16.05
N SER A 50 22.08 -8.32 15.27
CA SER A 50 22.45 -8.17 13.85
C SER A 50 21.96 -9.35 13.01
N ALA A 51 21.66 -9.10 11.75
CA ALA A 51 21.37 -10.14 10.76
C ALA A 51 22.53 -11.13 10.69
N PRO A 52 22.21 -12.38 10.35
CA PRO A 52 23.23 -13.41 10.18
C PRO A 52 24.11 -13.16 8.94
N GLU A 53 25.44 -13.24 9.13
CA GLU A 53 26.44 -13.22 8.05
C GLU A 53 26.19 -14.39 7.09
N ASP A 54 26.16 -15.61 7.61
CA ASP A 54 25.92 -16.83 6.79
C ASP A 54 24.46 -17.21 6.88
N PRO A 55 23.97 -18.03 5.93
CA PRO A 55 22.57 -18.46 5.89
C PRO A 55 22.13 -19.13 7.20
N ASP A 56 20.99 -18.77 7.80
CA ASP A 56 20.34 -19.61 8.85
C ASP A 56 19.73 -20.76 8.08
N SER A 57 19.79 -21.96 8.59
CA SER A 57 19.11 -23.15 8.06
C SER A 57 17.56 -22.93 7.97
N TRP A 58 16.94 -23.55 6.97
CA TRP A 58 15.47 -23.50 6.77
C TRP A 58 14.76 -24.01 8.03
N ASP A 59 15.26 -25.08 8.66
CA ASP A 59 14.59 -25.76 9.79
C ASP A 59 14.55 -24.80 10.98
N SER A 60 15.55 -23.93 11.06
CA SER A 60 15.71 -22.91 12.12
C SER A 60 14.68 -21.77 11.91
N ILE A 61 14.55 -21.27 10.67
CA ILE A 61 13.61 -20.20 10.24
C ILE A 61 12.19 -20.71 10.45
N PHE A 62 11.87 -21.85 9.88
CA PHE A 62 10.53 -22.48 9.98
C PHE A 62 10.22 -22.73 11.47
N GLY A 63 11.18 -23.28 12.22
CA GLY A 63 11.10 -23.50 13.65
C GLY A 63 10.72 -22.23 14.39
N ASP A 64 11.18 -21.06 13.92
CA ASP A 64 10.99 -19.81 14.68
C ASP A 64 9.54 -19.33 14.53
N ILE A 65 8.73 -19.99 13.69
CA ILE A 65 7.34 -19.53 13.45
C ILE A 65 6.60 -19.76 14.76
N GLU A 66 6.64 -21.00 15.27
CA GLU A 66 6.02 -21.35 16.58
C GLU A 66 6.88 -20.80 17.73
N ARG A 67 8.21 -20.94 17.63
CA ARG A 67 9.15 -20.58 18.71
C ARG A 67 9.05 -19.07 18.97
N ILE A 68 8.99 -18.17 17.99
CA ILE A 68 9.02 -16.70 18.29
C ILE A 68 8.05 -15.85 17.48
N ILE A 69 7.39 -16.29 16.40
CA ILE A 69 6.35 -15.39 15.79
C ILE A 69 5.00 -15.58 16.51
N MET A 70 4.49 -16.81 16.51
CA MET A 70 3.08 -16.99 16.97
C MET A 70 2.84 -16.51 18.40
N PRO A 71 3.74 -16.62 19.41
CA PRO A 71 3.50 -16.13 20.78
C PRO A 71 3.12 -14.66 20.89
N GLY A 72 3.41 -13.89 19.86
CA GLY A 72 3.02 -12.47 19.89
C GLY A 72 1.98 -12.10 18.87
N VAL A 73 1.33 -13.08 18.23
CA VAL A 73 0.36 -12.78 17.13
C VAL A 73 -0.98 -12.64 17.80
N VAL A 74 -1.80 -11.76 17.31
CA VAL A 74 -3.27 -11.76 17.56
C VAL A 74 -3.87 -12.53 16.39
N HIS A 75 -4.53 -13.62 16.66
CA HIS A 75 -5.07 -14.55 15.65
C HIS A 75 -6.37 -13.94 15.11
N TRP A 76 -6.21 -13.05 14.15
CA TRP A 76 -7.36 -12.44 13.45
C TRP A 76 -8.31 -13.45 12.77
N GLN A 77 -7.85 -14.64 12.49
CA GLN A 77 -8.64 -15.71 11.80
C GLN A 77 -9.40 -16.61 12.78
N SER A 78 -9.19 -16.43 14.07
CA SER A 78 -9.97 -17.07 15.17
C SER A 78 -11.40 -16.62 15.14
N PRO A 79 -12.32 -17.60 15.11
CA PRO A 79 -13.70 -17.32 15.40
C PRO A 79 -13.95 -16.59 16.70
N HIS A 80 -13.00 -16.56 17.61
CA HIS A 80 -13.09 -15.89 18.94
C HIS A 80 -12.45 -14.53 18.86
N MET A 81 -12.07 -14.09 17.66
CA MET A 81 -11.64 -12.71 17.45
C MET A 81 -12.93 -11.94 17.27
N HIS A 82 -13.16 -10.91 18.05
CA HIS A 82 -14.41 -10.12 18.00
C HIS A 82 -14.16 -8.61 18.16
N ALA A 83 -12.91 -8.18 17.99
CA ALA A 83 -12.55 -6.74 18.04
C ALA A 83 -12.53 -6.15 16.65
N TYR A 84 -12.50 -4.82 16.56
CA TYR A 84 -12.42 -4.06 15.29
C TYR A 84 -13.52 -4.58 14.34
N TYR A 85 -13.16 -4.76 13.08
CA TYR A 85 -14.01 -5.34 12.03
C TYR A 85 -13.25 -6.58 11.63
N PRO A 86 -13.93 -7.53 11.01
CA PRO A 86 -13.20 -8.72 10.51
C PRO A 86 -12.08 -8.29 9.55
N ALA A 87 -11.08 -9.13 9.35
CA ALA A 87 -10.13 -9.14 8.21
C ALA A 87 -9.90 -10.59 7.88
N LEU A 88 -10.61 -11.13 6.91
CA LEU A 88 -10.64 -12.57 6.68
C LEU A 88 -9.70 -12.92 5.51
N THR A 89 -8.88 -13.92 5.71
CA THR A 89 -8.25 -14.67 4.60
C THR A 89 -9.14 -15.82 4.17
N SER A 90 -8.68 -16.55 3.16
CA SER A 90 -9.32 -17.77 2.65
C SER A 90 -8.31 -18.49 1.74
N TRP A 91 -8.49 -19.78 1.53
CA TRP A 91 -7.73 -20.65 0.61
C TRP A 91 -7.52 -20.02 -0.77
N PRO A 92 -8.59 -19.63 -1.49
CA PRO A 92 -8.42 -19.04 -2.81
C PRO A 92 -7.52 -17.82 -2.75
N SER A 93 -7.77 -16.97 -1.77
CA SER A 93 -7.02 -15.73 -1.56
C SER A 93 -5.55 -16.07 -1.43
N LEU A 94 -5.20 -17.05 -0.61
CA LEU A 94 -3.78 -17.49 -0.42
C LEU A 94 -3.17 -17.89 -1.75
N LEU A 95 -3.89 -18.70 -2.54
CA LEU A 95 -3.35 -19.26 -3.79
C LEU A 95 -3.18 -18.14 -4.81
N GLY A 96 -4.12 -17.21 -4.84
CA GLY A 96 -4.02 -16.05 -5.76
C GLY A 96 -2.75 -15.25 -5.51
N ASP A 97 -2.46 -14.93 -4.24
CA ASP A 97 -1.29 -14.06 -3.94
C ASP A 97 -0.02 -14.88 -4.21
N MET A 98 -0.10 -16.22 -4.16
CA MET A 98 1.12 -17.01 -4.31
C MET A 98 1.63 -16.79 -5.74
N LEU A 99 0.73 -16.76 -6.70
CA LEU A 99 1.09 -16.53 -8.13
C LEU A 99 1.60 -15.09 -8.37
N ALA A 100 0.86 -14.12 -7.85
CA ALA A 100 1.19 -12.69 -8.03
C ALA A 100 2.60 -12.42 -7.50
N ASP A 101 2.91 -13.04 -6.36
CA ASP A 101 4.18 -12.83 -5.63
C ASP A 101 5.33 -13.40 -6.46
N ALA A 102 5.02 -14.49 -7.18
CA ALA A 102 6.00 -15.20 -8.02
C ALA A 102 6.22 -14.50 -9.40
N ILE A 103 5.16 -13.97 -10.06
CA ILE A 103 5.35 -13.14 -11.30
C ILE A 103 6.07 -11.83 -10.89
N ASN A 104 5.64 -11.29 -9.78
CA ASN A 104 6.10 -10.03 -9.16
C ASN A 104 6.30 -8.97 -10.23
N CYS A 105 5.26 -8.71 -11.03
CA CYS A 105 5.26 -7.59 -12.00
C CYS A 105 4.72 -6.33 -11.33
N LEU A 106 5.03 -5.17 -11.90
CA LEU A 106 4.45 -3.90 -11.41
C LEU A 106 3.58 -3.27 -12.50
N GLY A 107 2.46 -2.64 -12.12
CA GLY A 107 1.50 -2.11 -13.11
C GLY A 107 1.23 -0.63 -13.00
N PHE A 108 2.26 0.19 -12.80
CA PHE A 108 2.16 1.66 -12.77
C PHE A 108 1.54 2.17 -14.10
N THR A 109 1.88 1.50 -15.19
CA THR A 109 1.32 1.78 -16.53
C THR A 109 0.76 0.46 -17.08
N TRP A 110 -0.19 0.54 -18.00
CA TRP A 110 -0.64 -0.59 -18.84
C TRP A 110 0.61 -1.33 -19.38
N ALA A 111 1.56 -0.60 -19.96
CA ALA A 111 2.71 -1.21 -20.68
C ALA A 111 3.59 -1.97 -19.72
N SER A 112 3.71 -1.49 -18.48
CA SER A 112 4.67 -2.09 -17.52
C SER A 112 4.19 -3.51 -17.14
N SER A 113 2.88 -3.85 -17.34
CA SER A 113 2.40 -5.28 -17.34
C SER A 113 0.92 -5.33 -17.67
N PRO A 114 0.52 -5.42 -18.98
CA PRO A 114 -0.87 -5.21 -19.36
C PRO A 114 -1.83 -6.05 -18.49
N ALA A 115 -1.51 -7.29 -18.22
CA ALA A 115 -2.48 -8.18 -17.49
C ALA A 115 -2.83 -7.57 -16.11
N CYS A 116 -1.88 -6.92 -15.45
CA CYS A 116 -2.04 -6.37 -14.08
C CYS A 116 -3.16 -5.30 -14.14
N THR A 117 -3.21 -4.48 -15.17
CA THR A 117 -4.24 -3.40 -15.35
C THR A 117 -5.57 -4.02 -15.85
N GLU A 118 -5.48 -4.87 -16.85
CA GLU A 118 -6.67 -5.43 -17.54
C GLU A 118 -7.49 -6.35 -16.64
N LEU A 119 -6.87 -7.26 -15.91
CA LEU A 119 -7.66 -8.13 -15.00
C LEU A 119 -8.31 -7.23 -13.98
N GLU A 120 -7.58 -6.23 -13.47
CA GLU A 120 -8.11 -5.38 -12.40
C GLU A 120 -9.34 -4.60 -12.92
N MET A 121 -9.26 -4.06 -14.16
CA MET A 121 -10.38 -3.32 -14.78
C MET A 121 -11.61 -4.24 -14.87
N ASN A 122 -11.43 -5.45 -15.37
CA ASN A 122 -12.61 -6.32 -15.61
C ASN A 122 -13.21 -6.73 -14.28
N VAL A 123 -12.37 -7.05 -13.33
CA VAL A 123 -12.88 -7.57 -12.03
C VAL A 123 -13.49 -6.40 -11.23
N MET A 124 -12.93 -5.19 -11.26
CA MET A 124 -13.62 -4.07 -10.54
C MET A 124 -15.00 -3.86 -11.15
N ASP A 125 -15.15 -4.04 -12.47
CA ASP A 125 -16.47 -3.99 -13.12
C ASP A 125 -17.32 -5.13 -12.54
N TRP A 126 -16.79 -6.34 -12.42
CA TRP A 126 -17.57 -7.48 -11.84
C TRP A 126 -18.15 -7.05 -10.51
N LEU A 127 -17.28 -6.44 -9.73
CA LEU A 127 -17.52 -6.21 -8.30
C LEU A 127 -18.51 -5.06 -8.10
N ALA A 128 -18.41 -4.00 -8.90
CA ALA A 128 -19.37 -2.89 -8.96
C ALA A 128 -20.76 -3.47 -9.26
N LYS A 129 -20.82 -4.43 -10.18
CA LYS A 129 -22.11 -5.07 -10.49
C LYS A 129 -22.55 -5.90 -9.29
N MET A 130 -21.65 -6.68 -8.69
CA MET A 130 -22.01 -7.57 -7.55
C MET A 130 -22.66 -6.73 -6.42
N LEU A 131 -22.18 -5.50 -6.21
CA LEU A 131 -22.56 -4.57 -5.13
C LEU A 131 -23.82 -3.79 -5.48
N GLY A 132 -24.27 -3.76 -6.71
CA GLY A 132 -25.45 -2.92 -7.08
C GLY A 132 -25.04 -1.47 -7.13
N LEU A 133 -23.81 -1.19 -7.47
CA LEU A 133 -23.31 0.17 -7.72
C LEU A 133 -23.83 0.67 -9.09
N PRO A 134 -24.00 2.00 -9.31
CA PRO A 134 -24.45 2.51 -10.59
C PRO A 134 -23.50 2.16 -11.74
N GLU A 135 -24.10 2.09 -12.91
CA GLU A 135 -23.36 1.82 -14.15
C GLU A 135 -22.26 2.86 -14.38
N HIS A 136 -22.36 4.05 -13.84
CA HIS A 136 -21.40 5.12 -14.17
C HIS A 136 -20.09 4.90 -13.38
N PHE A 137 -19.99 3.84 -12.60
CA PHE A 137 -18.72 3.45 -11.94
C PHE A 137 -17.95 2.37 -12.76
N LEU A 138 -18.49 1.88 -13.87
CA LEU A 138 -17.93 0.70 -14.63
C LEU A 138 -16.99 1.28 -15.64
N HIS A 139 -15.82 0.69 -15.84
CA HIS A 139 -14.89 1.13 -16.92
C HIS A 139 -15.57 0.95 -18.27
N HIS A 140 -16.32 -0.14 -18.45
CA HIS A 140 -16.78 -0.57 -19.81
C HIS A 140 -18.23 -0.14 -20.14
N HIS A 141 -18.92 0.62 -19.31
CA HIS A 141 -20.29 1.08 -19.70
C HIS A 141 -20.10 2.19 -20.71
N PRO A 142 -20.80 2.08 -21.86
CA PRO A 142 -20.46 2.95 -22.99
C PRO A 142 -20.48 4.44 -22.60
N SER A 143 -21.37 4.92 -21.75
CA SER A 143 -21.41 6.38 -21.38
C SER A 143 -20.51 6.77 -20.17
N SER A 144 -19.95 5.81 -19.46
CA SER A 144 -19.22 6.03 -18.19
C SER A 144 -17.99 6.93 -18.44
N GLN A 145 -17.63 7.74 -17.44
CA GLN A 145 -16.34 8.50 -17.38
C GLN A 145 -15.54 7.99 -16.18
N GLY A 146 -16.03 6.90 -15.57
CA GLY A 146 -15.57 6.45 -14.25
C GLY A 146 -14.90 5.09 -14.26
N GLY A 147 -14.60 4.53 -13.07
CA GLY A 147 -14.16 3.14 -12.97
C GLY A 147 -13.64 2.87 -11.56
N GLY A 148 -13.32 1.63 -11.34
CA GLY A 148 -12.73 1.17 -10.09
C GLY A 148 -11.25 0.81 -10.24
N VAL A 149 -10.56 1.05 -9.15
CA VAL A 149 -9.14 0.76 -8.94
C VAL A 149 -9.01 0.20 -7.50
N LEU A 150 -8.07 -0.73 -7.37
CA LEU A 150 -7.65 -1.31 -6.07
C LEU A 150 -6.70 -0.32 -5.41
N GLN A 151 -6.89 -0.17 -4.12
CA GLN A 151 -6.01 0.54 -3.19
C GLN A 151 -5.68 -0.41 -2.07
N SER A 152 -4.89 0.05 -1.15
CA SER A 152 -4.45 -0.75 -0.01
C SER A 152 -5.41 -0.57 1.15
N THR A 153 -5.99 0.61 1.33
CA THR A 153 -6.82 0.86 2.53
C THR A 153 -8.00 1.68 2.08
N VAL A 154 -9.08 1.65 2.89
CA VAL A 154 -10.06 2.76 2.82
C VAL A 154 -9.42 4.08 3.27
N SER A 155 -8.60 4.10 4.33
CA SER A 155 -7.98 5.36 4.81
C SER A 155 -7.45 6.13 3.59
N GLU A 156 -6.70 5.48 2.70
CA GLU A 156 -6.03 6.17 1.57
C GLU A 156 -7.06 6.53 0.52
N SER A 157 -8.04 5.65 0.29
CA SER A 157 -9.13 5.86 -0.70
C SER A 157 -9.85 7.17 -0.32
N THR A 158 -10.24 7.28 0.94
CA THR A 158 -10.87 8.50 1.51
C THR A 158 -9.92 9.71 1.41
N LEU A 159 -8.61 9.53 1.55
CA LEU A 159 -7.66 10.67 1.37
C LEU A 159 -7.64 11.06 -0.12
N ILE A 160 -7.61 10.07 -1.01
CA ILE A 160 -7.52 10.37 -2.46
C ILE A 160 -8.78 11.11 -2.91
N ALA A 161 -9.92 10.74 -2.34
CA ALA A 161 -11.23 11.35 -2.69
C ALA A 161 -11.19 12.83 -2.29
N LEU A 162 -10.64 13.10 -1.13
CA LEU A 162 -10.62 14.48 -0.59
C LEU A 162 -9.59 15.30 -1.35
N LEU A 163 -8.48 14.70 -1.75
CA LEU A 163 -7.48 15.41 -2.61
C LEU A 163 -8.07 15.72 -4.02
N ALA A 164 -8.87 14.79 -4.60
CA ALA A 164 -9.58 15.03 -5.86
C ALA A 164 -10.62 16.13 -5.63
N ALA A 165 -11.41 16.04 -4.58
CA ALA A 165 -12.42 17.09 -4.34
C ALA A 165 -11.69 18.42 -4.19
N ARG A 166 -10.61 18.54 -3.39
CA ARG A 166 -10.10 19.90 -3.11
C ARG A 166 -9.33 20.44 -4.34
N LYS A 167 -8.62 19.61 -5.12
CA LYS A 167 -7.89 20.04 -6.35
C LYS A 167 -8.91 20.51 -7.40
N ASN A 168 -9.94 19.69 -7.65
CA ASN A 168 -11.02 20.05 -8.59
C ASN A 168 -11.56 21.45 -8.26
N LYS A 169 -11.97 21.70 -7.00
CA LYS A 169 -12.69 22.95 -6.62
C LYS A 169 -11.70 24.13 -6.56
N ILE A 170 -10.43 23.91 -6.19
CA ILE A 170 -9.35 24.93 -6.31
C ILE A 170 -9.21 25.36 -7.78
N LEU A 171 -9.31 24.45 -8.75
CA LEU A 171 -9.04 24.75 -10.18
C LEU A 171 -10.18 25.61 -10.74
N GLU A 172 -11.40 25.33 -10.31
CA GLU A 172 -12.62 26.13 -10.58
C GLU A 172 -12.36 27.55 -10.05
N MET A 173 -11.99 27.69 -8.77
CA MET A 173 -11.78 28.98 -8.03
C MET A 173 -10.59 29.74 -8.63
N LYS A 174 -9.60 29.06 -9.18
CA LYS A 174 -8.36 29.62 -9.79
C LYS A 174 -8.68 30.44 -11.05
N THR A 175 -9.78 30.12 -11.72
CA THR A 175 -10.20 30.83 -12.96
C THR A 175 -10.78 32.20 -12.59
N SER A 176 -11.29 32.42 -11.37
CA SER A 176 -11.67 33.78 -10.86
C SER A 176 -10.51 34.47 -10.12
N GLU A 177 -9.38 33.81 -9.93
CA GLU A 177 -8.30 34.34 -9.09
C GLU A 177 -7.02 33.64 -9.47
N PRO A 178 -6.50 33.89 -10.69
CA PRO A 178 -5.43 33.07 -11.24
C PRO A 178 -4.08 33.60 -10.69
N ASP A 179 -4.14 34.66 -9.88
CA ASP A 179 -3.03 35.18 -9.05
C ASP A 179 -3.01 34.47 -7.68
N ALA A 180 -4.10 33.80 -7.28
CA ALA A 180 -4.23 33.20 -5.93
C ALA A 180 -3.50 31.84 -5.88
N ASP A 181 -2.85 31.60 -4.76
CA ASP A 181 -2.06 30.39 -4.51
C ASP A 181 -3.03 29.22 -4.28
N GLU A 182 -2.85 28.05 -4.93
CA GLU A 182 -3.65 26.82 -4.66
C GLU A 182 -3.88 26.60 -3.15
N SER A 183 -2.77 26.62 -2.41
CA SER A 183 -2.70 26.51 -0.93
C SER A 183 -3.49 27.65 -0.21
N SER A 184 -3.50 28.86 -0.75
CA SER A 184 -4.29 30.00 -0.20
C SER A 184 -5.77 29.71 -0.44
N LEU A 185 -6.11 29.25 -1.65
CA LEU A 185 -7.53 28.89 -1.94
C LEU A 185 -7.95 27.69 -1.06
N ASN A 186 -7.08 26.69 -0.89
CA ASN A 186 -7.34 25.53 0.00
C ASN A 186 -7.79 25.99 1.41
N ALA A 187 -7.30 27.13 1.90
CA ALA A 187 -7.59 27.67 3.26
C ALA A 187 -9.09 27.95 3.45
N ARG A 188 -9.82 28.26 2.40
CA ARG A 188 -11.27 28.57 2.52
C ARG A 188 -12.11 27.28 2.54
N LEU A 189 -11.56 26.16 2.06
CA LEU A 189 -12.42 24.96 1.86
C LEU A 189 -12.87 24.44 3.23
N VAL A 190 -14.02 23.78 3.34
CA VAL A 190 -14.42 23.03 4.57
C VAL A 190 -14.98 21.70 4.11
N ALA A 191 -14.69 20.61 4.81
CA ALA A 191 -15.17 19.25 4.51
C ALA A 191 -15.96 18.73 5.71
N TYR A 192 -16.90 17.84 5.50
CA TYR A 192 -17.84 17.37 6.55
C TYR A 192 -17.84 15.85 6.54
N ALA A 193 -18.19 15.32 7.72
CA ALA A 193 -18.49 13.89 7.93
C ALA A 193 -19.37 13.81 9.18
N SER A 194 -19.98 12.65 9.38
CA SER A 194 -20.65 12.39 10.69
C SER A 194 -19.64 12.42 11.86
N ASP A 195 -20.09 12.74 13.08
CA ASP A 195 -19.26 12.69 14.31
C ASP A 195 -18.98 11.21 14.65
N GLN A 196 -19.56 10.25 13.97
CA GLN A 196 -19.28 8.78 14.05
C GLN A 196 -18.24 8.31 13.00
N ALA A 197 -17.72 9.20 12.19
CA ALA A 197 -16.86 8.82 11.06
C ALA A 197 -15.58 8.22 11.60
N HIS A 198 -14.93 7.41 10.77
CA HIS A 198 -13.66 6.75 11.13
C HIS A 198 -12.58 7.83 11.27
N SER A 199 -11.60 7.65 12.17
CA SER A 199 -10.44 8.57 12.38
C SER A 199 -9.71 8.92 11.07
N SER A 200 -9.83 8.08 10.04
CA SER A 200 -9.15 8.29 8.75
C SER A 200 -9.67 9.57 8.08
N VAL A 201 -10.95 9.91 8.29
CA VAL A 201 -11.59 11.16 7.77
C VAL A 201 -10.88 12.37 8.39
N GLU A 202 -10.68 12.40 9.71
CA GLU A 202 -9.90 13.53 10.34
C GLU A 202 -8.42 13.50 9.91
N LYS A 203 -7.81 12.31 9.84
CA LYS A 203 -6.42 12.11 9.35
C LYS A 203 -6.32 12.62 7.91
N ALA A 204 -7.30 12.37 7.03
CA ALA A 204 -7.23 12.96 5.68
C ALA A 204 -7.21 14.49 5.76
N GLY A 205 -8.07 15.06 6.58
CA GLY A 205 -8.09 16.52 6.86
C GLY A 205 -6.72 17.04 7.29
N LEU A 206 -6.16 16.49 8.35
CA LEU A 206 -4.82 16.84 8.87
C LEU A 206 -3.74 16.79 7.75
N ILE A 207 -3.75 15.74 6.89
CA ILE A 207 -2.68 15.52 5.87
C ILE A 207 -2.80 16.62 4.84
N SER A 208 -4.03 16.90 4.40
CA SER A 208 -4.37 17.81 3.28
C SER A 208 -4.44 19.30 3.70
N LEU A 209 -4.44 19.61 4.99
CA LEU A 209 -4.66 20.94 5.65
C LEU A 209 -6.01 21.45 5.18
N VAL A 210 -6.99 20.58 4.94
CA VAL A 210 -8.38 20.98 4.66
C VAL A 210 -9.12 20.89 5.97
N LYS A 211 -9.82 21.95 6.31
CA LYS A 211 -10.59 22.04 7.56
C LYS A 211 -11.74 21.02 7.47
N MET A 212 -11.93 20.29 8.54
CA MET A 212 -12.83 19.13 8.60
C MET A 212 -13.78 19.34 9.80
N LYS A 213 -15.07 19.22 9.56
CA LYS A 213 -16.11 19.54 10.57
C LYS A 213 -16.97 18.27 10.72
N PHE A 214 -17.05 17.73 11.92
CA PHE A 214 -17.86 16.53 12.27
C PHE A 214 -19.22 17.01 12.76
N LEU A 215 -20.28 16.44 12.21
CA LEU A 215 -21.65 16.95 12.40
C LEU A 215 -22.40 16.00 13.30
N PRO A 216 -23.39 16.53 14.07
CA PRO A 216 -24.15 15.70 15.00
C PRO A 216 -25.11 14.81 14.22
N VAL A 217 -25.51 13.75 14.89
CA VAL A 217 -26.28 12.62 14.32
C VAL A 217 -27.60 12.47 15.07
N ASP A 218 -28.50 11.66 14.56
CA ASP A 218 -29.82 11.42 15.19
C ASP A 218 -29.69 10.28 16.19
N ASP A 219 -30.85 9.86 16.68
CA ASP A 219 -31.11 8.73 17.63
C ASP A 219 -30.56 7.39 17.13
N ASN A 220 -30.41 7.13 15.82
CA ASN A 220 -29.78 5.88 15.27
C ASN A 220 -28.34 6.17 14.87
N PHE A 221 -27.75 7.27 15.35
CA PHE A 221 -26.30 7.59 15.14
C PHE A 221 -26.01 7.79 13.64
N SER A 222 -27.02 8.22 12.90
CA SER A 222 -27.04 8.47 11.45
C SER A 222 -26.89 9.99 11.15
N LEU A 223 -26.03 10.36 10.21
CA LEU A 223 -25.99 11.78 9.75
C LEU A 223 -27.14 11.99 8.77
N ARG A 224 -27.90 13.08 8.97
CA ARG A 224 -29.16 13.48 8.27
C ARG A 224 -28.98 14.73 7.39
N GLY A 225 -29.91 14.91 6.46
CA GLY A 225 -29.92 16.09 5.59
C GLY A 225 -29.89 17.39 6.37
N GLU A 226 -30.78 17.56 7.33
CA GLU A 226 -30.89 18.82 8.12
C GLU A 226 -29.52 19.29 8.64
N ALA A 227 -28.71 18.40 9.24
CA ALA A 227 -27.43 18.81 9.88
C ALA A 227 -26.43 19.26 8.82
N LEU A 228 -26.35 18.54 7.68
CA LEU A 228 -25.41 18.99 6.60
C LEU A 228 -25.84 20.36 6.09
N GLN A 229 -27.13 20.50 5.79
CA GLN A 229 -27.72 21.73 5.19
C GLN A 229 -27.45 22.91 6.15
N LYS A 230 -27.71 22.74 7.44
CA LYS A 230 -27.51 23.83 8.45
C LYS A 230 -26.01 24.19 8.52
N ALA A 231 -25.11 23.24 8.41
CA ALA A 231 -23.65 23.52 8.50
C ALA A 231 -23.19 24.25 7.26
N ILE A 232 -23.58 23.74 6.11
CA ILE A 232 -23.28 24.43 4.82
C ILE A 232 -23.70 25.90 4.87
N GLU A 233 -24.91 26.22 5.36
CA GLU A 233 -25.44 27.61 5.42
C GLU A 233 -24.56 28.43 6.38
N GLU A 234 -24.26 27.92 7.57
CA GLU A 234 -23.43 28.66 8.57
C GLU A 234 -22.05 28.90 7.95
N ASP A 235 -21.44 27.88 7.33
CA ASP A 235 -20.02 28.04 6.92
C ASP A 235 -19.95 28.96 5.70
N LYS A 236 -20.90 28.88 4.74
CA LYS A 236 -20.94 29.77 3.54
C LYS A 236 -21.08 31.23 4.00
N GLN A 237 -21.88 31.50 5.01
CA GLN A 237 -22.11 32.90 5.43
C GLN A 237 -20.85 33.39 6.15
N ARG A 238 -19.96 32.48 6.53
CA ARG A 238 -18.65 32.82 7.14
C ARG A 238 -17.58 32.88 6.05
N GLY A 239 -17.95 32.81 4.78
CA GLY A 239 -16.98 32.83 3.67
C GLY A 239 -16.20 31.53 3.48
N LEU A 240 -16.52 30.42 4.12
CA LEU A 240 -15.90 29.10 3.84
C LEU A 240 -16.63 28.50 2.64
N VAL A 241 -15.95 27.64 1.91
CA VAL A 241 -16.43 26.97 0.68
C VAL A 241 -16.56 25.47 0.90
N PRO A 242 -17.78 24.97 1.15
CA PRO A 242 -18.02 23.53 1.28
C PRO A 242 -17.50 22.77 0.06
N VAL A 243 -16.73 21.72 0.26
CA VAL A 243 -16.10 21.01 -0.90
C VAL A 243 -16.44 19.52 -0.86
N PHE A 244 -16.68 18.94 0.31
CA PHE A 244 -16.66 17.45 0.44
C PHE A 244 -17.52 16.97 1.60
N VAL A 245 -18.16 15.83 1.39
CA VAL A 245 -18.80 15.05 2.47
C VAL A 245 -18.32 13.61 2.36
N CYS A 246 -17.93 13.02 3.48
CA CYS A 246 -17.76 11.56 3.71
C CYS A 246 -19.00 11.05 4.43
N ALA A 247 -19.85 10.32 3.72
CA ALA A 247 -21.02 9.59 4.26
C ALA A 247 -20.57 8.18 4.59
N THR A 248 -20.82 7.72 5.82
CA THR A 248 -20.33 6.42 6.29
C THR A 248 -21.47 5.42 6.29
N LEU A 249 -21.32 4.34 5.51
CA LEU A 249 -22.25 3.19 5.56
C LEU A 249 -21.57 2.07 6.37
N GLY A 250 -21.93 2.02 7.66
CA GLY A 250 -21.41 1.05 8.64
C GLY A 250 -20.29 1.62 9.48
N THR A 251 -20.65 2.56 10.36
CA THR A 251 -19.74 3.29 11.23
C THR A 251 -19.00 2.27 12.11
N THR A 252 -17.74 2.56 12.49
CA THR A 252 -16.91 1.65 13.32
C THR A 252 -17.62 1.30 14.68
N GLY A 253 -17.98 2.32 15.47
CA GLY A 253 -18.50 2.16 16.81
C GLY A 253 -19.68 1.19 16.84
N VAL A 254 -20.76 1.48 16.10
CA VAL A 254 -22.06 0.77 16.31
C VAL A 254 -22.69 0.36 14.97
N CYS A 255 -21.92 0.43 13.88
CA CYS A 255 -22.32 0.05 12.50
C CYS A 255 -23.63 0.76 12.13
N ALA A 256 -23.65 2.08 12.34
CA ALA A 256 -24.76 2.93 11.87
C ALA A 256 -24.53 3.30 10.38
N PHE A 257 -25.55 3.88 9.77
CA PHE A 257 -25.63 4.21 8.33
C PHE A 257 -26.05 5.65 8.20
N ASP A 258 -25.22 6.46 7.52
CA ASP A 258 -25.59 7.85 7.17
C ASP A 258 -26.73 7.80 6.16
N LEU A 260 -28.08 8.62 3.03
CA LEU A 260 -27.65 8.98 1.66
C LEU A 260 -28.78 9.60 0.83
N SER A 261 -30.01 9.13 0.95
CA SER A 261 -31.12 9.70 0.16
C SER A 261 -31.29 11.18 0.52
N GLU A 262 -30.85 11.59 1.69
CA GLU A 262 -30.92 13.04 2.08
C GLU A 262 -29.59 13.75 1.79
N LEU A 263 -28.47 13.14 2.12
CA LEU A 263 -27.16 13.79 1.95
C LEU A 263 -26.88 13.95 0.45
N GLY A 264 -27.29 12.99 -0.41
CA GLY A 264 -27.00 13.03 -1.86
C GLY A 264 -27.45 14.32 -2.57
N PRO A 265 -28.78 14.58 -2.61
CA PRO A 265 -29.29 15.81 -3.21
C PRO A 265 -28.58 17.09 -2.70
N ILE A 266 -28.29 17.16 -1.43
CA ILE A 266 -27.66 18.39 -0.87
C ILE A 266 -26.26 18.54 -1.46
N CYS A 267 -25.52 17.46 -1.59
CA CYS A 267 -24.14 17.51 -2.11
C CYS A 267 -24.15 17.93 -3.58
N ALA A 268 -25.03 17.35 -4.40
CA ALA A 268 -25.22 17.70 -5.84
C ALA A 268 -25.63 19.18 -5.99
N ARG A 269 -26.72 19.63 -5.37
CA ARG A 269 -27.19 21.05 -5.35
C ARG A 269 -26.03 21.99 -4.94
N GLU A 270 -25.30 21.69 -3.87
CA GLU A 270 -24.35 22.68 -3.26
C GLU A 270 -22.95 22.57 -3.88
N GLY A 271 -22.67 21.57 -4.72
CA GLY A 271 -21.37 21.38 -5.36
C GLY A 271 -20.35 20.72 -4.45
N LEU A 272 -20.75 19.75 -3.64
CA LEU A 272 -19.89 19.06 -2.64
C LEU A 272 -19.61 17.65 -3.16
N TRP A 273 -18.34 17.27 -3.13
CA TRP A 273 -17.94 15.92 -3.57
C TRP A 273 -18.43 14.95 -2.50
N LEU A 274 -19.17 13.93 -2.93
CA LEU A 274 -19.72 12.95 -1.99
C LEU A 274 -18.93 11.66 -2.13
N HIS A 275 -18.35 11.27 -1.00
CA HIS A 275 -17.50 10.08 -0.83
C HIS A 275 -18.07 9.19 0.25
N ILE A 276 -18.39 7.95 -0.15
CA ILE A 276 -19.05 6.90 0.68
C ILE A 276 -17.92 6.03 1.25
N ASP A 277 -17.78 6.05 2.56
CA ASP A 277 -16.93 5.05 3.29
C ASP A 277 -17.87 3.91 3.65
N ALA A 278 -17.83 2.82 2.90
CA ALA A 278 -18.54 1.55 3.22
C ALA A 278 -17.51 0.47 3.63
N ALA A 279 -16.43 0.80 4.33
CA ALA A 279 -15.32 -0.16 4.57
C ALA A 279 -15.87 -1.58 4.89
N TYR A 280 -16.65 -1.69 5.97
CA TYR A 280 -17.16 -2.98 6.45
C TYR A 280 -18.42 -3.36 5.68
N ALA A 281 -19.46 -2.54 5.80
CA ALA A 281 -20.81 -2.86 5.35
C ALA A 281 -20.85 -3.10 3.84
N GLY A 282 -19.91 -2.57 3.06
CA GLY A 282 -20.02 -2.73 1.61
C GLY A 282 -20.25 -4.18 1.20
N THR A 283 -19.55 -5.13 1.83
CA THR A 283 -19.68 -6.57 1.49
C THR A 283 -21.15 -7.04 1.60
N ALA A 284 -21.91 -6.46 2.52
CA ALA A 284 -23.32 -6.80 2.73
C ALA A 284 -24.11 -6.55 1.43
N PHE A 285 -23.64 -5.64 0.58
CA PHE A 285 -24.38 -5.17 -0.63
C PHE A 285 -24.29 -6.20 -1.72
N LEU A 286 -23.52 -7.29 -1.51
CA LEU A 286 -23.64 -8.51 -2.33
C LEU A 286 -25.08 -9.02 -2.24
N CYS A 287 -25.73 -8.87 -1.10
CA CYS A 287 -27.10 -9.44 -0.88
C CYS A 287 -28.16 -8.36 -1.13
N PRO A 288 -29.21 -8.68 -1.92
CA PRO A 288 -30.23 -7.70 -2.26
C PRO A 288 -30.88 -7.13 -1.02
N GLU A 289 -31.08 -7.96 0.00
CA GLU A 289 -31.90 -7.57 1.15
C GLU A 289 -31.09 -6.60 2.02
N PHE A 290 -29.80 -6.34 1.77
CA PHE A 290 -29.05 -5.33 2.58
C PHE A 290 -28.76 -4.05 1.80
N ARG A 291 -29.44 -3.87 0.67
CA ARG A 291 -29.18 -2.73 -0.22
C ARG A 291 -30.00 -1.51 0.15
N GLY A 292 -31.02 -1.59 1.03
CA GLY A 292 -31.76 -0.43 1.57
C GLY A 292 -30.83 0.77 1.91
N PHE A 293 -29.68 0.55 2.52
CA PHE A 293 -28.68 1.59 2.95
C PHE A 293 -27.92 2.23 1.77
N LEU A 294 -28.01 1.58 0.62
CA LEU A 294 -27.35 2.05 -0.61
C LEU A 294 -28.27 3.06 -1.38
N LYS A 295 -29.50 3.26 -0.95
CA LYS A 295 -30.43 4.19 -1.58
C LYS A 295 -29.78 5.58 -1.55
N GLY A 296 -29.82 6.31 -2.68
CA GLY A 296 -29.08 7.56 -2.86
C GLY A 296 -27.66 7.36 -3.41
N ILE A 297 -27.21 6.14 -3.71
CA ILE A 297 -25.81 5.90 -4.20
C ILE A 297 -25.56 6.66 -5.52
N GLU A 298 -26.58 6.90 -6.30
CA GLU A 298 -26.43 7.59 -7.62
C GLU A 298 -25.84 9.01 -7.46
N TYR A 299 -25.99 9.64 -6.30
CA TYR A 299 -25.42 10.98 -6.02
C TYR A 299 -23.94 10.90 -5.64
N ALA A 300 -23.34 9.74 -5.35
CA ALA A 300 -21.94 9.68 -4.89
C ALA A 300 -20.99 9.98 -6.03
N ASP A 301 -19.96 10.74 -5.72
CA ASP A 301 -18.80 10.93 -6.64
C ASP A 301 -17.79 9.79 -6.43
N SER A 302 -17.68 9.21 -5.26
CA SER A 302 -16.78 8.05 -5.06
C SER A 302 -17.37 7.14 -4.00
N PHE A 303 -16.89 5.91 -4.00
CA PHE A 303 -17.32 4.81 -3.13
C PHE A 303 -16.12 3.92 -2.83
N THR A 304 -15.89 3.53 -1.59
CA THR A 304 -14.81 2.61 -1.20
C THR A 304 -15.35 1.62 -0.21
N PHE A 305 -14.86 0.37 -0.26
CA PHE A 305 -15.09 -0.67 0.77
C PHE A 305 -13.93 -1.64 0.74
N ASN A 306 -13.87 -2.47 1.76
CA ASN A 306 -12.75 -3.40 1.96
C ASN A 306 -13.31 -4.79 1.80
N PRO A 307 -13.07 -5.44 0.63
CA PRO A 307 -13.00 -6.89 0.54
C PRO A 307 -12.10 -7.54 1.61
N SER A 308 -11.14 -6.77 2.13
CA SER A 308 -10.11 -7.19 3.11
C SER A 308 -10.69 -7.15 4.52
N LYS A 309 -11.97 -6.78 4.65
CA LYS A 309 -12.70 -6.91 5.97
C LYS A 309 -13.57 -8.16 5.97
N TRP A 310 -14.63 -8.21 5.19
CA TRP A 310 -15.65 -9.28 5.38
C TRP A 310 -15.77 -10.19 4.16
N MET A 311 -15.05 -9.89 3.08
CA MET A 311 -15.26 -10.63 1.81
C MET A 311 -14.20 -11.69 1.59
N MET A 312 -13.35 -12.00 2.58
CA MET A 312 -12.47 -13.20 2.55
C MET A 312 -11.33 -13.03 1.55
N VAL A 313 -10.96 -11.80 1.28
CA VAL A 313 -9.68 -11.52 0.59
C VAL A 313 -8.69 -11.02 1.63
N HIS A 314 -7.54 -11.65 1.75
CA HIS A 314 -6.53 -11.12 2.70
C HIS A 314 -6.02 -9.73 2.30
N PHE A 315 -5.64 -9.01 3.34
CA PHE A 315 -5.14 -7.63 3.28
C PHE A 315 -3.80 -7.66 2.56
N ASP A 316 -3.61 -6.81 1.53
CA ASP A 316 -4.33 -5.57 1.25
C ASP A 316 -5.22 -5.73 0.02
N CYS A 317 -6.44 -5.19 0.12
CA CYS A 317 -7.43 -5.20 -0.97
C CYS A 317 -8.59 -4.26 -0.67
N THR A 318 -8.56 -3.09 -1.28
CA THR A 318 -9.58 -2.04 -1.12
C THR A 318 -10.16 -1.71 -2.47
N GLY A 319 -11.48 -1.70 -2.54
CA GLY A 319 -12.20 -1.23 -3.73
C GLY A 319 -12.41 0.27 -3.63
N PHE A 320 -12.07 1.00 -4.69
CA PHE A 320 -12.39 2.44 -4.81
C PHE A 320 -12.90 2.73 -6.21
N TRP A 321 -14.10 3.30 -6.30
CA TRP A 321 -14.74 3.77 -7.54
C TRP A 321 -14.92 5.30 -7.57
N VAL A 322 -14.71 5.87 -8.74
CA VAL A 322 -15.00 7.29 -9.06
C VAL A 322 -15.95 7.35 -10.26
N LYS A 323 -16.84 8.36 -10.24
CA LYS A 323 -17.81 8.69 -11.30
C LYS A 323 -17.10 9.41 -12.45
N ASP A 324 -15.99 10.04 -12.15
CA ASP A 324 -15.26 10.96 -13.03
C ASP A 324 -13.76 10.74 -12.82
N LYS A 325 -13.21 9.81 -13.56
CA LYS A 325 -11.77 9.50 -13.51
C LYS A 325 -10.88 10.67 -13.97
N TYR A 326 -11.41 11.68 -14.67
CA TYR A 326 -10.61 12.85 -15.12
C TYR A 326 -10.30 13.69 -13.88
N LYS A 327 -11.29 13.93 -13.04
CA LYS A 327 -11.08 14.61 -11.74
C LYS A 327 -10.06 13.83 -10.88
N LEU A 328 -10.12 12.50 -10.89
CA LEU A 328 -9.13 11.73 -10.13
C LEU A 328 -7.72 11.99 -10.69
N GLN A 329 -7.54 11.92 -11.98
CA GLN A 329 -6.18 11.88 -12.55
C GLN A 329 -5.52 13.26 -12.51
N GLN A 330 -6.32 14.35 -12.55
CA GLN A 330 -5.80 15.74 -12.50
C GLN A 330 -5.31 16.02 -11.07
N THR A 331 -5.74 15.26 -10.07
CA THR A 331 -5.15 15.27 -8.71
C THR A 331 -3.65 14.91 -8.72
N PHE A 332 -3.19 14.05 -9.62
CA PHE A 332 -1.98 13.20 -9.44
C PHE A 332 -1.01 13.33 -10.61
N SER A 333 -1.33 14.16 -11.59
CA SER A 333 -0.54 14.35 -12.84
C SER A 333 -0.68 15.83 -13.17
N VAL A 334 0.42 16.53 -13.50
CA VAL A 334 0.42 18.02 -13.60
C VAL A 334 -0.34 18.43 -14.87
N ASN A 335 -0.21 17.65 -15.96
CA ASN A 335 -1.11 17.74 -17.14
C ASN A 335 -2.23 16.73 -16.94
N PRO A 336 -3.50 17.15 -16.77
CA PRO A 336 -4.66 16.21 -16.85
C PRO A 336 -4.84 15.43 -18.16
N GLY A 345 -12.81 3.65 -23.14
CA GLY A 345 -12.41 3.38 -21.74
C GLY A 345 -11.65 2.06 -21.54
N VAL A 346 -11.18 1.46 -22.67
CA VAL A 346 -10.39 0.20 -23.01
C VAL A 346 -9.13 -0.13 -22.14
N ALA A 347 -8.32 0.86 -21.65
CA ALA A 347 -7.10 0.67 -20.80
C ALA A 347 -6.52 2.00 -20.30
N THR A 348 -5.84 1.95 -19.19
CA THR A 348 -5.46 3.13 -18.40
CA THR A 348 -5.48 3.14 -18.39
C THR A 348 -4.11 2.86 -17.80
N ASP A 349 -3.48 3.92 -17.27
CA ASP A 349 -2.26 3.86 -16.45
C ASP A 349 -2.75 4.19 -15.02
N PHE A 350 -2.80 3.18 -14.16
CA PHE A 350 -3.40 3.34 -12.81
C PHE A 350 -2.50 4.16 -11.88
N MET A 351 -1.27 4.44 -12.26
CA MET A 351 -0.40 5.37 -11.49
C MET A 351 -1.11 6.71 -11.30
N HIS A 352 -1.94 7.16 -12.25
CA HIS A 352 -2.68 8.44 -12.18
C HIS A 352 -4.01 8.31 -11.39
N TRP A 353 -4.31 7.15 -10.75
CA TRP A 353 -5.52 6.98 -9.92
C TRP A 353 -5.13 6.76 -8.45
N GLN A 354 -3.88 6.96 -8.10
CA GLN A 354 -3.36 6.58 -6.77
C GLN A 354 -2.22 7.54 -6.36
N ILE A 355 -1.76 7.33 -5.19
CA ILE A 355 -0.73 8.21 -4.58
C ILE A 355 0.62 7.76 -5.11
N PRO A 356 1.03 6.49 -5.01
CA PRO A 356 2.36 6.09 -5.44
C PRO A 356 2.57 5.80 -6.93
N LEU A 357 3.82 5.50 -7.31
CA LEU A 357 4.06 4.95 -8.68
C LEU A 357 3.74 3.44 -8.70
N SER A 358 4.57 2.61 -8.10
CA SER A 358 4.45 1.15 -8.20
C SER A 358 3.10 0.75 -7.59
N ARG A 359 2.58 -0.33 -8.13
CA ARG A 359 1.37 -1.07 -7.76
C ARG A 359 1.56 -2.56 -8.18
N ARG A 360 1.05 -3.48 -7.38
CA ARG A 360 1.20 -4.94 -7.62
C ARG A 360 -0.14 -5.50 -8.10
N PHE A 361 -0.08 -6.78 -8.44
CA PHE A 361 -1.14 -7.53 -9.16
C PHE A 361 -2.11 -8.04 -8.10
N ARG A 362 -2.84 -7.13 -7.47
CA ARG A 362 -3.71 -7.55 -6.35
C ARG A 362 -4.97 -8.25 -6.92
N SER A 363 -5.36 -7.99 -8.15
CA SER A 363 -6.59 -8.51 -8.76
C SER A 363 -6.59 -10.06 -8.80
N VAL A 364 -5.42 -10.71 -8.83
CA VAL A 364 -5.39 -12.19 -8.90
C VAL A 364 -6.17 -12.79 -7.70
N LYS A 365 -5.81 -12.47 -6.46
CA LYS A 365 -6.46 -13.01 -5.21
C LYS A 365 -7.94 -12.62 -5.17
N LEU A 366 -8.31 -11.44 -5.66
CA LEU A 366 -9.71 -10.97 -5.68
C LEU A 366 -10.49 -11.83 -6.68
N TRP A 367 -9.92 -11.98 -7.86
CA TRP A 367 -10.50 -12.86 -8.93
C TRP A 367 -10.74 -14.28 -8.42
N PHE A 368 -9.71 -14.89 -7.88
CA PHE A 368 -9.73 -16.29 -7.36
C PHE A 368 -10.81 -16.44 -6.27
N VAL A 369 -10.89 -15.45 -5.38
CA VAL A 369 -11.88 -15.53 -4.28
C VAL A 369 -13.28 -15.51 -4.89
N ILE A 370 -13.55 -14.55 -5.80
CA ILE A 370 -14.89 -14.42 -6.43
C ILE A 370 -15.20 -15.72 -7.17
N ARG A 371 -14.21 -16.28 -7.88
CA ARG A 371 -14.48 -17.39 -8.80
C ARG A 371 -14.64 -18.67 -8.00
N SER A 372 -13.79 -18.85 -6.98
CA SER A 372 -13.75 -20.07 -6.14
C SER A 372 -15.01 -20.22 -5.31
N PHE A 373 -15.47 -19.14 -4.68
CA PHE A 373 -16.76 -19.17 -3.97
C PHE A 373 -17.94 -19.10 -4.95
N GLY A 374 -17.85 -18.20 -5.92
CA GLY A 374 -18.96 -17.67 -6.73
C GLY A 374 -19.89 -16.82 -5.87
N VAL A 375 -20.65 -15.96 -6.51
CA VAL A 375 -21.49 -14.93 -5.88
C VAL A 375 -22.42 -15.57 -4.87
N LYS A 376 -23.06 -16.68 -5.16
CA LYS A 376 -24.01 -17.27 -4.19
C LYS A 376 -23.31 -17.59 -2.89
N ASN A 377 -22.15 -18.25 -2.93
CA ASN A 377 -21.52 -18.64 -1.65
C ASN A 377 -21.00 -17.37 -0.96
N LEU A 378 -20.68 -16.32 -1.67
CA LEU A 378 -20.20 -15.11 -0.95
C LEU A 378 -21.45 -14.56 -0.29
N GLN A 379 -22.59 -14.60 -0.95
CA GLN A 379 -23.86 -14.11 -0.32
C GLN A 379 -24.16 -14.92 0.94
N ALA A 380 -24.05 -16.25 0.82
CA ALA A 380 -24.33 -17.22 1.92
C ALA A 380 -23.42 -16.87 3.11
N HIS A 381 -22.15 -16.54 2.84
CA HIS A 381 -21.17 -16.13 3.87
C HIS A 381 -21.70 -14.90 4.62
N VAL A 382 -22.15 -13.86 3.92
CA VAL A 382 -22.64 -12.58 4.53
C VAL A 382 -23.92 -12.86 5.34
N ARG A 383 -24.83 -13.65 4.79
CA ARG A 383 -26.07 -14.01 5.47
C ARG A 383 -25.75 -14.82 6.73
N HIS A 384 -24.77 -15.75 6.67
CA HIS A 384 -24.37 -16.63 7.81
C HIS A 384 -23.81 -15.78 8.95
N GLY A 385 -22.85 -14.94 8.61
CA GLY A 385 -22.17 -14.00 9.53
C GLY A 385 -23.22 -13.18 10.23
N THR A 386 -24.16 -12.63 9.47
CA THR A 386 -25.28 -11.80 10.02
C THR A 386 -26.14 -12.66 10.95
N GLU A 387 -26.51 -13.90 10.58
CA GLU A 387 -27.29 -14.75 11.48
C GLU A 387 -26.51 -15.08 12.77
N MET A 388 -25.20 -15.22 12.68
CA MET A 388 -24.41 -15.55 13.90
C MET A 388 -24.50 -14.33 14.86
N ALA A 389 -24.48 -13.11 14.35
CA ALA A 389 -24.59 -11.87 15.17
C ALA A 389 -26.02 -11.71 15.70
N LYS A 390 -26.99 -12.16 14.93
CA LYS A 390 -28.43 -12.11 15.32
C LYS A 390 -28.65 -13.12 16.46
N TYR A 391 -28.00 -14.25 16.34
CA TYR A 391 -28.01 -15.27 17.42
C TYR A 391 -27.37 -14.67 18.69
N PHE A 392 -26.10 -14.28 18.61
CA PHE A 392 -25.45 -13.54 19.71
C PHE A 392 -26.36 -12.49 20.36
N GLU A 393 -26.98 -11.66 19.53
CA GLU A 393 -27.90 -10.58 20.01
C GLU A 393 -29.03 -11.14 20.87
N SER A 394 -29.60 -12.26 20.46
CA SER A 394 -30.82 -12.79 21.10
C SER A 394 -30.43 -13.32 22.49
N LEU A 395 -29.20 -13.82 22.64
CA LEU A 395 -28.62 -14.28 23.93
C LEU A 395 -28.42 -13.10 24.88
N VAL A 396 -27.81 -12.02 24.41
CA VAL A 396 -27.78 -10.76 25.20
C VAL A 396 -29.20 -10.29 25.55
N ARG A 397 -30.08 -10.11 24.57
CA ARG A 397 -31.43 -9.49 24.74
CA ARG A 397 -31.40 -9.46 24.78
C ARG A 397 -32.18 -10.27 25.83
N ASN A 398 -32.03 -11.58 25.86
CA ASN A 398 -32.74 -12.45 26.83
C ASN A 398 -32.24 -12.26 28.27
N ASP A 399 -31.03 -11.75 28.49
CA ASP A 399 -30.40 -11.64 29.81
C ASP A 399 -30.64 -10.22 30.34
N PRO A 400 -31.48 -10.06 31.40
CA PRO A 400 -31.87 -8.73 31.88
C PRO A 400 -30.79 -7.99 32.65
N SER A 401 -29.60 -8.55 32.80
CA SER A 401 -28.41 -7.77 33.29
C SER A 401 -27.84 -6.90 32.15
N PHE A 402 -28.19 -7.19 30.90
CA PHE A 402 -27.53 -6.50 29.77
C PHE A 402 -28.51 -5.60 29.06
N GLU A 403 -28.00 -4.73 28.21
CA GLU A 403 -28.79 -3.82 27.31
C GLU A 403 -27.94 -3.60 26.05
N ILE A 404 -28.64 -3.21 25.03
CA ILE A 404 -28.18 -3.08 23.64
C ILE A 404 -28.49 -1.62 23.25
N PRO A 405 -27.51 -0.73 23.35
CA PRO A 405 -27.81 0.69 23.12
C PRO A 405 -27.81 1.11 21.64
N ALA A 406 -27.64 0.18 20.69
CA ALA A 406 -27.78 0.51 19.27
C ALA A 406 -28.21 -0.75 18.57
N LYS A 407 -28.80 -0.51 17.41
CA LYS A 407 -29.38 -1.49 16.51
C LYS A 407 -28.27 -2.30 15.85
N ARG A 408 -28.43 -3.62 15.82
CA ARG A 408 -27.62 -4.53 14.97
C ARG A 408 -28.25 -4.60 13.58
N HIS A 409 -27.53 -4.17 12.54
CA HIS A 409 -27.93 -4.29 11.10
C HIS A 409 -27.16 -5.42 10.41
N LEU A 410 -25.91 -5.68 10.81
CA LEU A 410 -25.04 -6.68 10.14
C LEU A 410 -24.37 -7.57 11.15
N GLY A 411 -23.01 -7.69 11.17
CA GLY A 411 -22.33 -8.68 12.05
C GLY A 411 -21.80 -8.11 13.38
N LEU A 412 -22.16 -6.88 13.73
CA LEU A 412 -21.69 -6.20 14.93
C LEU A 412 -22.83 -6.01 15.91
N VAL A 413 -22.66 -6.60 17.11
CA VAL A 413 -23.56 -6.32 18.24
C VAL A 413 -22.82 -5.46 19.27
N VAL A 414 -23.45 -4.40 19.77
CA VAL A 414 -22.91 -3.60 20.89
C VAL A 414 -23.85 -3.80 22.07
N PHE A 415 -23.25 -3.96 23.26
CA PHE A 415 -24.02 -4.22 24.51
C PHE A 415 -23.21 -3.75 25.70
N ARG A 416 -23.86 -3.76 26.86
CA ARG A 416 -23.20 -3.41 28.13
C ARG A 416 -24.07 -3.92 29.27
N LEU A 417 -23.45 -4.17 30.42
CA LEU A 417 -24.17 -4.43 31.69
C LEU A 417 -24.91 -3.16 32.04
N LYS A 418 -26.16 -3.27 32.40
CA LYS A 418 -26.88 -2.14 33.05
C LYS A 418 -26.19 -1.70 34.35
N GLY A 419 -26.27 -0.40 34.58
CA GLY A 419 -25.64 0.32 35.68
C GLY A 419 -24.41 1.09 35.22
N PRO A 420 -23.50 1.39 36.15
CA PRO A 420 -22.27 2.10 35.79
C PRO A 420 -21.25 1.37 34.87
N ASN A 421 -20.50 2.17 34.14
CA ASN A 421 -19.41 1.82 33.23
C ASN A 421 -18.45 0.83 33.88
N SER A 422 -18.14 1.03 35.16
CA SER A 422 -17.14 0.17 35.84
C SER A 422 -17.54 -1.34 35.72
N LEU A 423 -18.83 -1.69 35.82
CA LEU A 423 -19.25 -3.10 35.68
C LEU A 423 -18.77 -3.60 34.30
N THR A 424 -18.98 -2.82 33.23
CA THR A 424 -18.55 -3.23 31.88
C THR A 424 -17.01 -3.30 31.78
N GLU A 425 -16.26 -2.30 32.29
CA GLU A 425 -14.79 -2.31 32.37
C GLU A 425 -14.39 -3.61 33.02
N ASN A 426 -15.01 -3.97 34.16
CA ASN A 426 -14.55 -5.12 34.97
C ASN A 426 -14.82 -6.39 34.18
N VAL A 427 -15.90 -6.46 33.38
CA VAL A 427 -16.18 -7.72 32.62
C VAL A 427 -15.11 -7.83 31.55
N LEU A 428 -14.79 -6.73 30.88
CA LEU A 428 -13.68 -6.74 29.89
C LEU A 428 -12.37 -7.21 30.52
N LYS A 429 -11.99 -6.69 31.68
CA LYS A 429 -10.69 -7.08 32.33
C LYS A 429 -10.76 -8.56 32.64
N GLU A 430 -11.87 -8.99 33.21
CA GLU A 430 -11.95 -10.38 33.61
C GLU A 430 -11.74 -11.25 32.33
N ILE A 431 -12.34 -10.91 31.20
CA ILE A 431 -12.18 -11.72 29.93
C ILE A 431 -10.74 -11.67 29.37
N ALA A 432 -10.04 -10.54 29.49
CA ALA A 432 -8.65 -10.24 29.04
C ALA A 432 -7.63 -11.15 29.78
N LYS A 433 -7.94 -11.61 31.00
CA LYS A 433 -7.08 -12.51 31.82
C LYS A 433 -6.72 -13.74 30.99
N ALA A 434 -7.68 -14.54 30.52
CA ALA A 434 -7.43 -15.77 29.74
C ALA A 434 -7.22 -15.45 28.24
N GLY A 435 -7.79 -14.32 27.74
CA GLY A 435 -7.79 -13.94 26.30
C GLY A 435 -8.36 -15.03 25.41
N ARG A 436 -9.36 -15.79 25.86
CA ARG A 436 -10.02 -16.87 25.05
C ARG A 436 -10.85 -16.18 23.95
N LEU A 437 -11.31 -14.95 24.16
CA LEU A 437 -11.83 -14.16 23.06
C LEU A 437 -11.23 -12.78 23.13
N PHE A 438 -11.23 -12.09 22.00
CA PHE A 438 -10.61 -10.76 21.97
C PHE A 438 -11.74 -9.75 21.80
N LEU A 439 -11.93 -8.97 22.85
CA LEU A 439 -12.90 -7.83 22.90
C LEU A 439 -12.16 -6.52 23.16
N ILE A 440 -12.71 -5.44 22.61
CA ILE A 440 -12.17 -4.07 22.84
C ILE A 440 -13.37 -3.17 23.10
N PRO A 441 -13.20 -2.33 24.14
CA PRO A 441 -14.27 -1.46 24.56
C PRO A 441 -14.24 -0.33 23.55
N ALA A 442 -15.42 0.18 23.26
CA ALA A 442 -15.66 1.52 22.77
C ALA A 442 -16.70 2.19 23.68
N THR A 443 -17.14 3.35 23.26
CA THR A 443 -17.94 4.29 24.04
C THR A 443 -18.94 4.89 23.08
N ILE A 444 -20.21 5.03 23.45
CA ILE A 444 -21.15 5.83 22.65
C ILE A 444 -21.85 6.73 23.62
N GLN A 445 -21.42 8.00 23.56
CA GLN A 445 -21.79 9.11 24.47
C GLN A 445 -21.23 8.79 25.83
N ASP A 446 -22.09 8.64 26.83
CA ASP A 446 -21.70 8.42 28.26
C ASP A 446 -21.50 6.92 28.53
N LYS A 447 -21.74 6.07 27.55
CA LYS A 447 -21.86 4.60 27.76
C LYS A 447 -20.61 3.92 27.23
N LEU A 448 -19.95 3.21 28.12
CA LEU A 448 -18.97 2.18 27.74
C LEU A 448 -19.71 0.92 27.22
N ILE A 449 -19.26 0.38 26.10
CA ILE A 449 -19.95 -0.76 25.46
C ILE A 449 -18.86 -1.73 25.06
N ILE A 450 -19.27 -2.98 25.03
CA ILE A 450 -18.54 -4.07 24.36
C ILE A 450 -19.06 -4.10 22.95
N ARG A 451 -18.11 -4.14 22.06
CA ARG A 451 -18.33 -4.43 20.64
C ARG A 451 -18.10 -5.92 20.50
N PHE A 452 -19.00 -6.62 19.82
CA PHE A 452 -18.86 -8.04 19.42
C PHE A 452 -19.06 -8.12 17.90
N THR A 453 -17.94 -8.34 17.22
CA THR A 453 -17.86 -8.55 15.78
C THR A 453 -17.80 -10.03 15.47
N VAL A 454 -18.78 -10.53 14.78
CA VAL A 454 -18.64 -11.87 14.18
C VAL A 454 -17.59 -11.71 13.06
N THR A 455 -16.65 -12.65 12.99
CA THR A 455 -15.49 -12.59 12.10
C THR A 455 -15.46 -13.85 11.24
N SER A 456 -14.76 -14.86 11.69
CA SER A 456 -14.41 -16.04 10.84
C SER A 456 -15.65 -16.47 10.05
N GLN A 457 -15.46 -16.66 8.73
CA GLN A 457 -16.41 -17.35 7.83
C GLN A 457 -16.79 -18.74 8.42
N PHE A 458 -16.06 -19.31 9.36
CA PHE A 458 -16.35 -20.66 9.87
C PHE A 458 -17.04 -20.60 11.22
N THR A 459 -17.30 -19.40 11.75
CA THR A 459 -18.04 -19.24 13.00
C THR A 459 -19.31 -20.12 12.90
N THR A 460 -19.61 -20.88 13.95
CA THR A 460 -20.86 -21.67 14.06
C THR A 460 -21.67 -21.11 15.23
N ARG A 461 -22.88 -21.60 15.42
CA ARG A 461 -23.73 -21.24 16.57
C ARG A 461 -23.04 -21.76 17.87
N ASP A 462 -22.32 -22.89 17.81
CA ASP A 462 -21.59 -23.37 19.02
C ASP A 462 -20.51 -22.35 19.43
N ASP A 463 -19.79 -21.76 18.49
CA ASP A 463 -18.71 -20.77 18.77
C ASP A 463 -19.37 -19.58 19.49
N ILE A 464 -20.56 -19.24 19.01
CA ILE A 464 -21.28 -18.02 19.46
C ILE A 464 -21.69 -18.24 20.91
N LEU A 465 -22.32 -19.36 21.14
CA LEU A 465 -22.79 -19.75 22.48
C LEU A 465 -21.57 -19.83 23.42
N ARG A 466 -20.48 -20.45 22.98
CA ARG A 466 -19.29 -20.60 23.85
C ARG A 466 -18.76 -19.21 24.24
N ASP A 467 -18.72 -18.26 23.33
CA ASP A 467 -18.19 -16.89 23.61
C ASP A 467 -19.21 -16.14 24.49
N TRP A 468 -20.50 -16.36 24.24
CA TRP A 468 -21.55 -15.70 25.06
C TRP A 468 -21.40 -16.20 26.50
N ASN A 469 -21.23 -17.50 26.66
CA ASN A 469 -21.10 -18.13 28.02
C ASN A 469 -19.84 -17.61 28.70
N LEU A 470 -18.70 -17.44 28.03
CA LEU A 470 -17.53 -16.77 28.72
C LEU A 470 -17.89 -15.34 29.16
N ILE A 471 -18.60 -14.60 28.34
CA ILE A 471 -19.02 -13.22 28.68
C ILE A 471 -19.97 -13.25 29.88
N ARG A 472 -20.97 -14.12 29.84
CA ARG A 472 -21.96 -14.30 30.92
C ARG A 472 -21.18 -14.71 32.17
N ASP A 473 -20.24 -15.68 32.10
CA ASP A 473 -19.52 -16.13 33.33
C ASP A 473 -18.79 -14.91 33.92
N ALA A 474 -18.29 -14.02 33.09
CA ALA A 474 -17.52 -12.86 33.60
C ALA A 474 -18.51 -11.87 34.22
N ALA A 475 -19.69 -11.75 33.63
CA ALA A 475 -20.69 -10.81 34.16
C ALA A 475 -21.13 -11.33 35.53
N THR A 476 -21.35 -12.64 35.65
CA THR A 476 -21.76 -13.30 36.92
C THR A 476 -20.73 -13.05 38.01
N LEU A 477 -19.46 -13.28 37.67
CA LEU A 477 -18.36 -12.91 38.57
C LEU A 477 -18.54 -11.46 39.04
N ILE A 478 -18.61 -10.50 38.12
CA ILE A 478 -18.58 -9.06 38.46
C ILE A 478 -19.85 -8.68 39.20
N LEU A 479 -21.00 -9.30 38.96
CA LEU A 479 -22.29 -8.91 39.61
C LEU A 479 -22.51 -9.54 41.01
N SER A 480 -21.65 -10.42 41.54
CA SER A 480 -21.89 -11.16 42.82
C SER A 480 -21.08 -10.66 44.02
N SER B 5 -16.87 -22.95 -1.12
CA SER B 5 -16.70 -24.33 -1.69
C SER B 5 -15.30 -24.94 -1.39
N MET B 6 -14.13 -24.38 -1.79
CA MET B 6 -12.83 -25.15 -1.64
C MET B 6 -12.63 -25.56 -0.16
N GLU B 7 -12.36 -26.86 0.09
CA GLU B 7 -12.15 -27.62 1.37
C GLU B 7 -10.67 -27.72 1.75
N PRO B 8 -10.31 -28.03 3.03
CA PRO B 8 -8.91 -28.03 3.45
C PRO B 8 -8.01 -29.00 2.65
N GLU B 9 -8.48 -30.22 2.35
CA GLU B 9 -7.71 -31.21 1.56
C GLU B 9 -7.51 -30.73 0.11
N GLU B 10 -8.49 -30.05 -0.50
CA GLU B 10 -8.38 -29.37 -1.81
C GLU B 10 -7.34 -28.25 -1.74
N TYR B 11 -7.42 -27.42 -0.72
CA TYR B 11 -6.38 -26.38 -0.50
C TYR B 11 -4.99 -27.05 -0.52
N ARG B 12 -4.76 -28.17 0.18
CA ARG B 12 -3.42 -28.82 0.31
C ARG B 12 -2.91 -29.33 -1.04
N GLU B 13 -3.79 -29.91 -1.85
CA GLU B 13 -3.54 -30.38 -3.26
C GLU B 13 -3.26 -29.18 -4.19
N ARG B 14 -4.10 -28.16 -4.18
CA ARG B 14 -3.98 -27.00 -5.10
C ARG B 14 -2.79 -26.12 -4.60
N GLY B 15 -2.46 -26.08 -3.30
CA GLY B 15 -1.25 -25.37 -2.82
C GLY B 15 0.03 -26.01 -3.42
N ARG B 16 0.01 -27.35 -3.54
CA ARG B 16 1.16 -28.11 -4.09
C ARG B 16 1.27 -27.73 -5.57
N GLU B 17 0.11 -27.75 -6.22
CA GLU B 17 0.01 -27.52 -7.66
C GLU B 17 0.62 -26.14 -7.92
N MET B 18 0.24 -25.15 -7.13
CA MET B 18 0.71 -23.76 -7.26
C MET B 18 2.22 -23.64 -6.92
N VAL B 19 2.73 -24.39 -5.92
CA VAL B 19 4.16 -24.43 -5.56
C VAL B 19 4.89 -25.03 -6.76
N ASP B 20 4.42 -26.13 -7.31
CA ASP B 20 5.07 -26.75 -8.47
C ASP B 20 5.06 -25.79 -9.68
N TYR B 21 3.94 -25.17 -9.96
CA TYR B 21 3.80 -24.24 -11.10
C TYR B 21 4.69 -23.03 -10.93
N ILE B 22 4.74 -22.46 -9.73
CA ILE B 22 5.71 -21.33 -9.46
C ILE B 22 7.13 -21.78 -9.73
N CYS B 23 7.55 -22.89 -9.19
CA CYS B 23 8.92 -23.39 -9.38
C CYS B 23 9.23 -23.54 -10.88
N GLN B 24 8.31 -24.10 -11.65
CA GLN B 24 8.53 -24.36 -13.11
C GLN B 24 8.58 -23.01 -13.84
N TYR B 25 7.69 -22.09 -13.46
CA TYR B 25 7.60 -20.74 -14.07
C TYR B 25 8.94 -20.00 -13.85
N LEU B 26 9.44 -19.93 -12.63
CA LEU B 26 10.66 -19.10 -12.33
C LEU B 26 11.89 -19.81 -12.91
N SER B 27 11.89 -21.12 -13.07
CA SER B 27 13.09 -21.89 -13.47
C SER B 27 13.23 -21.75 -14.97
N THR B 28 12.11 -21.58 -15.68
CA THR B 28 12.06 -21.61 -17.16
C THR B 28 11.78 -20.22 -17.72
N VAL B 29 11.83 -19.17 -16.92
CA VAL B 29 11.31 -17.86 -17.37
C VAL B 29 12.07 -17.35 -18.62
N ARG B 30 13.33 -17.71 -18.83
CA ARG B 30 14.10 -17.31 -20.04
C ARG B 30 13.41 -17.70 -21.34
N GLU B 31 12.70 -18.84 -21.38
CA GLU B 31 11.99 -19.36 -22.58
C GLU B 31 10.80 -18.45 -22.91
N ARG B 32 10.23 -17.64 -22.03
CA ARG B 32 9.09 -16.80 -22.45
C ARG B 32 9.57 -15.53 -23.16
N ARG B 33 8.71 -15.00 -24.02
CA ARG B 33 8.79 -13.67 -24.65
C ARG B 33 8.68 -12.69 -23.48
N VAL B 34 9.72 -11.99 -23.07
CA VAL B 34 9.62 -11.04 -21.90
C VAL B 34 8.43 -10.10 -22.08
N THR B 35 8.20 -9.56 -23.27
CA THR B 35 7.14 -8.53 -23.48
C THR B 35 6.06 -9.19 -24.29
N PRO B 36 4.79 -9.08 -23.84
CA PRO B 36 3.68 -9.71 -24.54
C PRO B 36 3.26 -8.88 -25.76
N ASP B 37 2.79 -9.61 -26.78
CA ASP B 37 2.26 -9.02 -28.01
C ASP B 37 0.74 -8.88 -27.88
N VAL B 38 0.25 -7.82 -27.24
CA VAL B 38 -1.21 -7.61 -27.01
C VAL B 38 -1.47 -6.12 -27.19
N GLN B 39 -2.70 -5.75 -27.47
CA GLN B 39 -3.11 -4.31 -27.55
C GLN B 39 -4.06 -4.01 -26.41
N PRO B 40 -4.14 -2.72 -25.99
CA PRO B 40 -5.07 -2.32 -24.95
C PRO B 40 -6.49 -2.87 -25.25
N GLY B 41 -7.09 -3.51 -24.25
CA GLY B 41 -8.48 -4.00 -24.25
C GLY B 41 -8.53 -5.47 -24.60
N TYR B 42 -7.41 -6.18 -24.80
CA TYR B 42 -7.37 -7.61 -25.28
C TYR B 42 -8.10 -8.54 -24.31
N LEU B 43 -8.04 -8.26 -23.02
CA LEU B 43 -8.55 -9.20 -22.00
C LEU B 43 -10.09 -9.19 -21.92
N ARG B 44 -10.75 -8.06 -22.15
CA ARG B 44 -12.21 -7.96 -21.86
C ARG B 44 -13.00 -9.07 -22.56
N ALA B 45 -12.83 -9.27 -23.88
CA ALA B 45 -13.56 -10.31 -24.65
C ALA B 45 -13.11 -11.73 -24.24
N GLN B 46 -12.06 -11.94 -23.45
CA GLN B 46 -11.67 -13.31 -23.05
C GLN B 46 -12.25 -13.73 -21.67
N LEU B 47 -13.00 -12.86 -21.00
CA LEU B 47 -13.51 -13.01 -19.60
C LEU B 47 -15.02 -12.92 -19.67
N PRO B 48 -15.80 -13.65 -18.86
CA PRO B 48 -17.23 -13.36 -18.75
C PRO B 48 -17.43 -11.88 -18.32
N GLU B 49 -18.60 -11.34 -18.66
CA GLU B 49 -18.97 -9.92 -18.43
C GLU B 49 -19.41 -9.73 -17.00
N SER B 50 -19.78 -10.86 -16.38
CA SER B 50 -20.14 -10.97 -14.94
C SER B 50 -19.45 -12.10 -14.17
N ALA B 51 -19.29 -11.87 -12.87
CA ALA B 51 -18.81 -12.89 -11.93
C ALA B 51 -19.69 -14.10 -12.02
N PRO B 52 -19.17 -15.31 -11.74
CA PRO B 52 -19.99 -16.54 -11.81
C PRO B 52 -20.84 -16.65 -10.56
N GLU B 53 -22.04 -17.12 -10.71
CA GLU B 53 -23.02 -17.29 -9.60
C GLU B 53 -22.54 -18.50 -8.76
N ASP B 54 -22.30 -19.61 -9.46
CA ASP B 54 -21.80 -20.86 -8.87
C ASP B 54 -20.31 -20.84 -8.93
N PRO B 55 -19.65 -21.69 -8.13
CA PRO B 55 -18.21 -21.75 -8.13
C PRO B 55 -17.63 -22.21 -9.48
N ASP B 56 -16.63 -21.54 -10.03
CA ASP B 56 -15.82 -22.07 -11.15
C ASP B 56 -14.96 -23.20 -10.58
N SER B 57 -14.62 -24.20 -11.36
CA SER B 57 -13.73 -25.32 -10.96
C SER B 57 -12.32 -24.81 -10.74
N TRP B 58 -11.58 -25.44 -9.85
CA TRP B 58 -10.13 -25.15 -9.71
C TRP B 58 -9.39 -25.50 -11.01
N ASP B 59 -9.82 -26.48 -11.78
CA ASP B 59 -9.14 -26.75 -13.08
C ASP B 59 -9.30 -25.51 -13.97
N SER B 60 -10.49 -24.91 -13.99
CA SER B 60 -10.73 -23.75 -14.88
C SER B 60 -9.92 -22.55 -14.40
N ILE B 61 -9.96 -22.27 -13.12
CA ILE B 61 -9.19 -21.10 -12.55
C ILE B 61 -7.67 -21.21 -12.82
N PHE B 62 -7.08 -22.33 -12.48
CA PHE B 62 -5.67 -22.65 -12.71
C PHE B 62 -5.41 -22.66 -14.20
N GLY B 63 -6.26 -23.36 -14.98
CA GLY B 63 -6.14 -23.39 -16.47
C GLY B 63 -5.90 -22.01 -17.03
N ASP B 64 -6.64 -21.05 -16.48
CA ASP B 64 -6.72 -19.69 -17.04
C ASP B 64 -5.39 -18.97 -16.87
N ILE B 65 -4.58 -19.37 -15.91
CA ILE B 65 -3.26 -18.69 -15.73
C ILE B 65 -2.42 -18.74 -17.02
N GLU B 66 -2.17 -19.91 -17.63
CA GLU B 66 -1.42 -19.93 -18.90
C GLU B 66 -2.37 -19.48 -20.02
N ARG B 67 -3.65 -19.85 -19.94
CA ARG B 67 -4.57 -19.64 -21.09
C ARG B 67 -4.82 -18.14 -21.36
N ILE B 68 -5.10 -17.31 -20.35
CA ILE B 68 -5.49 -15.88 -20.56
C ILE B 68 -4.74 -14.88 -19.67
N ILE B 69 -4.05 -15.29 -18.60
CA ILE B 69 -3.28 -14.31 -17.77
C ILE B 69 -1.88 -14.10 -18.37
N MET B 70 -1.07 -15.18 -18.53
CA MET B 70 0.35 -15.09 -18.88
C MET B 70 0.46 -14.39 -20.25
N PRO B 71 -0.41 -14.55 -21.26
CA PRO B 71 -0.17 -13.82 -22.52
C PRO B 71 -0.17 -12.28 -22.39
N GLY B 72 -0.61 -11.72 -21.28
CA GLY B 72 -0.64 -10.26 -21.07
C GLY B 72 0.37 -9.79 -20.05
N VAL B 73 1.28 -10.66 -19.64
CA VAL B 73 2.19 -10.38 -18.54
C VAL B 73 3.55 -9.97 -19.10
N VAL B 74 4.11 -8.91 -18.52
CA VAL B 74 5.55 -8.58 -18.65
C VAL B 74 6.30 -9.41 -17.62
N HIS B 75 7.29 -10.17 -18.04
CA HIS B 75 7.96 -11.16 -17.14
C HIS B 75 9.12 -10.46 -16.46
N TRP B 76 8.81 -9.77 -15.38
CA TRP B 76 9.75 -8.89 -14.64
C TRP B 76 10.85 -9.74 -14.02
N GLN B 77 10.63 -11.08 -13.94
CA GLN B 77 11.65 -12.02 -13.36
C GLN B 77 12.56 -12.61 -14.44
N SER B 78 12.38 -12.23 -15.71
CA SER B 78 13.25 -12.69 -16.81
C SER B 78 14.62 -12.04 -16.62
N PRO B 79 15.75 -12.77 -16.73
CA PRO B 79 17.04 -12.13 -16.99
C PRO B 79 17.07 -11.14 -18.20
N HIS B 80 16.10 -11.24 -19.10
CA HIS B 80 15.96 -10.45 -20.35
C HIS B 80 15.10 -9.22 -20.13
N MET B 81 14.54 -9.04 -18.92
CA MET B 81 13.88 -7.77 -18.56
C MET B 81 15.00 -6.78 -18.30
N HIS B 82 15.03 -5.62 -18.97
CA HIS B 82 16.13 -4.65 -18.70
C HIS B 82 15.59 -3.25 -18.56
N ALA B 83 14.29 -3.05 -18.44
CA ALA B 83 13.61 -1.74 -18.28
C ALA B 83 13.50 -1.36 -16.80
N TYR B 84 13.27 -0.08 -16.60
CA TYR B 84 13.01 0.49 -15.25
C TYR B 84 14.24 0.21 -14.36
N TYR B 85 13.99 -0.06 -13.06
CA TYR B 85 14.86 -0.75 -12.08
C TYR B 85 14.37 -2.17 -11.86
N PRO B 86 15.18 -3.08 -11.26
CA PRO B 86 14.72 -4.44 -11.10
C PRO B 86 13.61 -4.42 -10.05
N ALA B 87 12.79 -5.46 -10.09
CA ALA B 87 11.92 -5.82 -8.94
C ALA B 87 11.92 -7.35 -8.79
N LEU B 88 12.77 -7.87 -7.90
CA LEU B 88 13.12 -9.31 -7.81
C LEU B 88 12.37 -9.96 -6.67
N THR B 89 11.81 -11.12 -7.01
CA THR B 89 11.26 -12.12 -6.09
C THR B 89 12.40 -13.08 -5.74
N SER B 90 12.16 -13.93 -4.76
CA SER B 90 13.08 -15.01 -4.36
C SER B 90 12.29 -16.08 -3.59
N TRP B 91 12.75 -17.31 -3.58
CA TRP B 91 12.00 -18.40 -2.88
C TRP B 91 11.61 -17.98 -1.45
N PRO B 92 12.58 -17.40 -0.71
CA PRO B 92 12.39 -17.19 0.72
C PRO B 92 11.37 -16.12 0.96
N SER B 93 11.34 -15.14 0.07
CA SER B 93 10.32 -14.04 0.10
C SER B 93 8.91 -14.65 -0.10
N LEU B 94 8.76 -15.55 -1.06
CA LEU B 94 7.47 -16.24 -1.34
C LEU B 94 6.96 -16.94 -0.09
N LEU B 95 7.83 -17.70 0.59
CA LEU B 95 7.48 -18.55 1.75
C LEU B 95 7.06 -17.68 2.93
N GLY B 96 7.80 -16.59 3.19
CA GLY B 96 7.45 -15.65 4.25
C GLY B 96 6.07 -15.08 4.07
N ASP B 97 5.78 -14.46 2.94
CA ASP B 97 4.40 -13.92 2.71
C ASP B 97 3.32 -15.00 2.68
N MET B 98 3.64 -16.26 2.37
CA MET B 98 2.55 -17.23 2.42
C MET B 98 2.02 -17.22 3.87
N LEU B 99 2.94 -17.20 4.83
CA LEU B 99 2.64 -17.22 6.28
C LEU B 99 1.83 -15.98 6.67
N ALA B 100 2.38 -14.81 6.36
CA ALA B 100 1.75 -13.53 6.66
C ALA B 100 0.30 -13.56 6.13
N ASP B 101 0.09 -14.04 4.90
CA ASP B 101 -1.25 -13.97 4.28
C ASP B 101 -2.23 -14.89 5.05
N ALA B 102 -1.75 -16.01 5.58
CA ALA B 102 -2.61 -16.97 6.27
C ALA B 102 -2.95 -16.42 7.66
N ILE B 103 -1.97 -15.85 8.36
CA ILE B 103 -2.27 -15.26 9.70
C ILE B 103 -3.24 -14.09 9.49
N ASN B 104 -2.90 -13.26 8.55
CA ASN B 104 -3.71 -12.13 8.03
C ASN B 104 -4.07 -11.22 9.23
N CYS B 105 -3.04 -10.88 10.02
CA CYS B 105 -3.25 -9.93 11.14
C CYS B 105 -3.03 -8.54 10.57
N LEU B 106 -3.58 -7.54 11.25
CA LEU B 106 -3.24 -6.12 11.00
C LEU B 106 -2.51 -5.52 12.19
N GLY B 107 -1.57 -4.60 11.90
CA GLY B 107 -0.64 -4.02 12.86
C GLY B 107 -0.73 -2.49 12.96
N PHE B 108 -1.92 -1.87 12.89
CA PHE B 108 -2.13 -0.40 13.01
C PHE B 108 -1.62 0.07 14.38
N THR B 109 -1.84 -0.73 15.45
CA THR B 109 -1.28 -0.51 16.79
C THR B 109 -0.47 -1.77 17.17
N TRP B 110 0.35 -1.58 18.19
CA TRP B 110 1.10 -2.68 18.80
C TRP B 110 0.09 -3.69 19.21
N ALA B 111 -0.95 -3.23 19.87
CA ALA B 111 -1.95 -4.12 20.49
C ALA B 111 -2.70 -4.95 19.42
N SER B 112 -2.90 -4.45 18.20
CA SER B 112 -3.70 -5.14 17.17
C SER B 112 -2.96 -6.43 16.69
N SER B 113 -1.64 -6.49 16.90
CA SER B 113 -0.85 -7.75 16.82
C SER B 113 0.61 -7.43 17.10
N PRO B 114 1.06 -7.66 18.36
CA PRO B 114 2.40 -7.22 18.77
C PRO B 114 3.54 -7.62 17.83
N ALA B 115 3.53 -8.86 17.39
CA ALA B 115 4.60 -9.46 16.55
C ALA B 115 4.71 -8.70 15.22
N CYS B 116 3.61 -8.26 14.65
CA CYS B 116 3.63 -7.41 13.43
C CYS B 116 4.50 -6.15 13.65
N THR B 117 4.49 -5.57 14.86
CA THR B 117 5.20 -4.30 15.14
C THR B 117 6.65 -4.62 15.54
N GLU B 118 6.80 -5.56 16.46
CA GLU B 118 8.12 -5.89 17.03
C GLU B 118 9.06 -6.56 15.99
N LEU B 119 8.56 -7.50 15.19
CA LEU B 119 9.53 -8.12 14.27
C LEU B 119 9.96 -7.01 13.30
N GLU B 120 9.04 -6.10 12.95
CA GLU B 120 9.37 -5.01 12.02
C GLU B 120 10.38 -4.09 12.75
N MET B 121 10.21 -3.73 14.02
CA MET B 121 11.12 -2.77 14.67
C MET B 121 12.52 -3.35 14.63
N ASN B 122 12.66 -4.65 14.91
CA ASN B 122 14.00 -5.30 15.08
C ASN B 122 14.67 -5.48 13.72
N VAL B 123 13.88 -5.91 12.75
CA VAL B 123 14.39 -6.15 11.39
C VAL B 123 14.76 -4.81 10.77
N MET B 124 14.08 -3.73 11.06
CA MET B 124 14.46 -2.44 10.45
C MET B 124 15.80 -1.99 11.09
N ASP B 125 16.05 -2.38 12.35
CA ASP B 125 17.34 -2.06 13.00
C ASP B 125 18.43 -2.86 12.29
N TRP B 126 18.16 -4.15 12.02
CA TRP B 126 19.13 -4.99 11.29
C TRP B 126 19.51 -4.30 9.98
N LEU B 127 18.47 -3.94 9.25
CA LEU B 127 18.59 -3.44 7.87
C LEU B 127 19.39 -2.13 7.96
N ALA B 128 19.04 -1.21 8.88
CA ALA B 128 19.78 0.06 9.02
C ALA B 128 21.27 -0.25 9.17
N LYS B 129 21.59 -1.24 10.00
CA LYS B 129 23.01 -1.58 10.25
C LYS B 129 23.62 -2.17 8.97
N MET B 130 22.86 -2.94 8.18
CA MET B 130 23.42 -3.67 7.02
C MET B 130 23.79 -2.66 5.94
N LEU B 131 23.09 -1.54 5.94
CA LEU B 131 23.22 -0.43 4.95
C LEU B 131 24.30 0.58 5.38
N GLY B 132 24.89 0.46 6.56
CA GLY B 132 25.75 1.49 7.16
C GLY B 132 25.01 2.78 7.39
N LEU B 133 23.73 2.82 7.80
CA LEU B 133 23.07 4.12 8.19
C LEU B 133 23.54 4.54 9.57
N PRO B 134 23.44 5.84 9.92
CA PRO B 134 23.65 6.25 11.32
C PRO B 134 22.78 5.53 12.36
N GLU B 135 23.33 5.45 13.56
CA GLU B 135 22.69 4.83 14.71
C GLU B 135 21.52 5.71 15.16
N HIS B 136 21.43 6.98 14.74
CA HIS B 136 20.28 7.86 15.08
C HIS B 136 19.02 7.36 14.34
N PHE B 137 19.14 6.39 13.43
CA PHE B 137 17.97 5.80 12.71
C PHE B 137 17.51 4.47 13.33
N LEU B 138 18.15 4.01 14.41
CA LEU B 138 17.83 2.74 15.06
C LEU B 138 16.67 2.94 16.06
N HIS B 139 15.70 2.01 16.14
CA HIS B 139 14.72 2.03 17.26
C HIS B 139 15.41 1.87 18.61
N HIS B 140 16.23 0.83 18.76
CA HIS B 140 16.81 0.37 20.03
C HIS B 140 18.24 0.90 20.24
N HIS B 141 18.60 2.12 19.86
CA HIS B 141 19.92 2.73 20.24
C HIS B 141 19.70 3.84 21.27
N PRO B 142 20.47 3.88 22.38
CA PRO B 142 20.12 4.76 23.52
C PRO B 142 19.87 6.25 23.24
N SER B 143 20.70 6.88 22.40
CA SER B 143 20.60 8.32 22.02
C SER B 143 19.66 8.57 20.81
N SER B 144 18.83 7.59 20.37
CA SER B 144 18.02 7.68 19.14
C SER B 144 16.65 8.24 19.48
N GLN B 145 16.12 9.16 18.68
CA GLN B 145 14.71 9.60 18.81
C GLN B 145 13.99 9.14 17.55
N GLY B 146 14.63 8.25 16.80
CA GLY B 146 14.15 7.87 15.46
C GLY B 146 13.91 6.40 15.27
N GLY B 147 13.86 5.94 14.02
CA GLY B 147 13.58 4.53 13.65
C GLY B 147 13.08 4.31 12.21
N GLY B 148 12.99 3.02 11.88
CA GLY B 148 12.61 2.49 10.58
C GLY B 148 11.20 1.92 10.62
N VAL B 149 10.41 2.28 9.61
CA VAL B 149 9.13 1.63 9.33
C VAL B 149 9.09 1.19 7.88
N LEU B 150 8.45 0.07 7.61
CA LEU B 150 8.19 -0.36 6.24
C LEU B 150 7.04 0.45 5.65
N GLN B 151 7.10 0.71 4.36
CA GLN B 151 6.04 1.39 3.59
C GLN B 151 5.80 0.55 2.32
N SER B 152 4.91 0.97 1.42
CA SER B 152 4.61 0.26 0.17
C SER B 152 5.47 0.73 -0.97
N THR B 153 5.84 2.01 -0.97
CA THR B 153 6.66 2.59 -2.06
C THR B 153 7.61 3.65 -1.50
N VAL B 154 8.66 3.91 -2.27
CA VAL B 154 9.51 5.11 -2.16
C VAL B 154 8.64 6.31 -2.37
N SER B 155 7.79 6.32 -3.38
CA SER B 155 6.77 7.38 -3.65
C SER B 155 6.09 7.89 -2.36
N GLU B 156 5.51 6.99 -1.57
CA GLU B 156 4.74 7.34 -0.37
C GLU B 156 5.68 7.84 0.73
N SER B 157 6.85 7.20 0.87
CA SER B 157 7.90 7.57 1.87
C SER B 157 8.36 9.02 1.62
N THR B 158 8.69 9.33 0.36
CA THR B 158 9.06 10.72 -0.06
C THR B 158 7.87 11.65 0.28
N LEU B 159 6.64 11.30 -0.09
CA LEU B 159 5.49 12.15 0.29
C LEU B 159 5.47 12.32 1.82
N ILE B 160 5.67 11.24 2.55
CA ILE B 160 5.54 11.39 4.02
C ILE B 160 6.63 12.34 4.51
N ALA B 161 7.82 12.20 3.97
CA ALA B 161 8.95 13.04 4.41
C ALA B 161 8.57 14.53 4.13
N LEU B 162 7.98 14.83 2.98
CA LEU B 162 7.58 16.21 2.65
C LEU B 162 6.43 16.65 3.58
N LEU B 163 5.41 15.80 3.82
CA LEU B 163 4.28 16.15 4.70
C LEU B 163 4.82 16.50 6.08
N ALA B 164 5.78 15.72 6.62
CA ALA B 164 6.31 15.95 8.01
C ALA B 164 7.14 17.25 8.02
N ALA B 165 7.92 17.51 6.97
CA ALA B 165 8.74 18.74 6.87
C ALA B 165 7.80 19.96 6.91
N ARG B 166 6.77 19.93 6.08
CA ARG B 166 5.93 21.12 5.87
C ARG B 166 5.08 21.29 7.13
N LYS B 167 4.69 20.19 7.78
CA LYS B 167 3.89 20.31 9.02
C LYS B 167 4.79 20.94 10.09
N ASN B 168 5.97 20.37 10.30
CA ASN B 168 6.93 20.90 11.30
C ASN B 168 7.12 22.42 11.08
N LYS B 169 7.39 22.82 9.84
CA LYS B 169 7.71 24.22 9.51
C LYS B 169 6.50 25.13 9.71
N ILE B 170 5.31 24.72 9.29
CA ILE B 170 4.05 25.44 9.61
C ILE B 170 3.84 25.55 11.13
N LEU B 171 4.08 24.52 11.96
CA LEU B 171 3.81 24.73 13.41
C LEU B 171 4.73 25.84 13.94
N GLU B 172 5.94 25.91 13.42
CA GLU B 172 6.94 26.92 13.86
C GLU B 172 6.52 28.32 13.37
N MET B 173 6.13 28.46 12.10
CA MET B 173 5.64 29.75 11.52
C MET B 173 4.48 30.30 12.36
N LYS B 174 3.69 29.44 13.04
CA LYS B 174 2.48 29.86 13.83
C LYS B 174 2.81 30.45 15.20
N THR B 175 3.98 30.15 15.79
CA THR B 175 4.51 30.95 16.93
C THR B 175 4.33 32.42 16.59
N SER B 176 4.89 32.88 15.49
CA SER B 176 4.92 34.32 15.21
C SER B 176 3.63 34.79 14.52
N GLU B 177 2.92 33.95 13.72
CA GLU B 177 1.58 34.32 13.15
C GLU B 177 0.50 33.36 13.63
N PRO B 178 -0.10 33.61 14.81
CA PRO B 178 -0.95 32.61 15.46
C PRO B 178 -2.38 32.66 14.90
N ASP B 179 -2.72 33.74 14.17
CA ASP B 179 -4.00 33.93 13.43
C ASP B 179 -3.98 33.37 11.99
N ALA B 180 -2.82 33.26 11.31
CA ALA B 180 -2.70 32.74 9.93
C ALA B 180 -3.16 31.27 9.91
N ASP B 181 -3.80 30.87 8.83
CA ASP B 181 -4.30 29.49 8.59
C ASP B 181 -3.12 28.60 8.22
N GLU B 182 -3.11 27.34 8.68
CA GLU B 182 -2.11 26.29 8.31
C GLU B 182 -1.89 26.24 6.79
N SER B 183 -2.93 26.27 5.96
CA SER B 183 -2.82 26.18 4.50
C SER B 183 -2.23 27.48 3.91
N SER B 184 -2.70 28.66 4.31
CA SER B 184 -2.12 29.99 3.95
C SER B 184 -0.61 29.97 4.20
N LEU B 185 -0.16 29.41 5.32
CA LEU B 185 1.28 29.44 5.66
C LEU B 185 2.07 28.56 4.68
N ASN B 186 1.41 27.51 4.18
CA ASN B 186 1.97 26.42 3.36
C ASN B 186 2.26 26.98 1.99
N ALA B 187 1.51 28.01 1.60
CA ALA B 187 1.66 28.74 0.33
C ALA B 187 3.08 29.32 0.22
N ARG B 188 3.71 29.67 1.35
CA ARG B 188 5.02 30.35 1.28
C ARG B 188 6.16 29.38 1.04
N LEU B 189 5.89 28.05 1.14
CA LEU B 189 6.99 27.07 1.37
C LEU B 189 7.62 26.72 0.03
N VAL B 190 8.88 26.33 0.02
CA VAL B 190 9.50 25.86 -1.24
C VAL B 190 10.37 24.64 -0.96
N ALA B 191 10.33 23.72 -1.91
CA ALA B 191 10.98 22.42 -1.80
C ALA B 191 11.85 22.25 -3.04
N TYR B 192 12.98 21.57 -2.87
CA TYR B 192 13.98 21.34 -3.92
C TYR B 192 14.22 19.84 -4.16
N ALA B 193 14.65 19.54 -5.39
CA ALA B 193 15.27 18.27 -5.80
C ALA B 193 16.15 18.46 -7.07
N SER B 194 17.07 17.53 -7.39
CA SER B 194 17.78 17.36 -8.70
C SER B 194 16.79 17.54 -9.83
N ASP B 195 17.22 18.04 -10.99
CA ASP B 195 16.37 17.99 -12.21
C ASP B 195 16.39 16.53 -12.69
N GLN B 196 17.13 15.67 -11.99
CA GLN B 196 17.16 14.24 -12.32
C GLN B 196 16.20 13.51 -11.35
N ALA B 197 15.55 14.18 -10.39
CA ALA B 197 14.81 13.45 -9.32
C ALA B 197 13.64 12.67 -9.92
N HIS B 198 13.12 11.71 -9.17
CA HIS B 198 12.07 10.78 -9.68
C HIS B 198 10.76 11.56 -9.76
N SER B 199 9.83 11.16 -10.64
CA SER B 199 8.53 11.86 -10.80
C SER B 199 7.81 11.87 -9.45
N SER B 200 8.07 10.92 -8.56
CA SER B 200 7.40 10.90 -7.23
C SER B 200 7.72 12.19 -6.47
N VAL B 201 8.80 12.92 -6.80
CA VAL B 201 9.12 14.16 -6.03
C VAL B 201 8.14 15.25 -6.48
N GLU B 202 8.08 15.49 -7.78
CA GLU B 202 7.05 16.41 -8.32
C GLU B 202 5.61 16.01 -7.87
N LYS B 203 5.27 14.73 -8.00
CA LYS B 203 3.96 14.18 -7.55
C LYS B 203 3.74 14.49 -6.05
N ALA B 204 4.75 14.37 -5.19
CA ALA B 204 4.51 14.80 -3.78
C ALA B 204 4.15 16.29 -3.69
N GLY B 205 4.78 17.16 -4.49
CA GLY B 205 4.51 18.63 -4.61
C GLY B 205 3.06 18.88 -5.01
N LEU B 206 2.60 18.19 -6.06
CA LEU B 206 1.19 18.25 -6.56
C LEU B 206 0.23 17.90 -5.43
N ILE B 207 0.47 16.81 -4.72
CA ILE B 207 -0.48 16.31 -3.70
C ILE B 207 -0.50 17.26 -2.50
N SER B 208 0.63 17.66 -1.95
CA SER B 208 0.69 18.54 -0.75
C SER B 208 0.37 20.02 -1.03
N LEU B 209 0.29 20.41 -2.31
CA LEU B 209 0.22 21.85 -2.72
C LEU B 209 1.46 22.60 -2.22
N VAL B 210 2.63 21.99 -2.26
CA VAL B 210 3.92 22.61 -1.88
C VAL B 210 4.69 22.86 -3.17
N LYS B 211 5.12 24.11 -3.36
CA LYS B 211 5.94 24.54 -4.51
C LYS B 211 7.22 23.70 -4.49
N MET B 212 7.50 23.13 -5.66
CA MET B 212 8.71 22.32 -5.96
C MET B 212 9.54 23.04 -7.05
N LYS B 213 10.84 23.18 -6.86
CA LYS B 213 11.73 23.72 -7.91
C LYS B 213 12.84 22.71 -8.11
N PHE B 214 13.09 22.35 -9.36
CA PHE B 214 14.07 21.29 -9.72
C PHE B 214 15.36 22.02 -10.12
N LEU B 215 16.49 21.64 -9.52
CA LEU B 215 17.76 22.41 -9.65
C LEU B 215 18.58 21.83 -10.79
N PRO B 216 19.46 22.63 -11.44
CA PRO B 216 20.35 22.06 -12.46
C PRO B 216 21.48 21.30 -11.74
N VAL B 217 22.07 20.35 -12.46
CA VAL B 217 23.06 19.34 -12.01
C VAL B 217 24.36 19.59 -12.81
N ASP B 218 25.48 18.97 -12.42
CA ASP B 218 26.83 19.08 -13.05
C ASP B 218 26.93 18.08 -14.23
N ASP B 219 28.14 17.95 -14.79
CA ASP B 219 28.52 17.03 -15.89
C ASP B 219 28.18 15.58 -15.60
N ASN B 220 28.15 15.22 -14.31
CA ASN B 220 27.89 13.82 -13.84
C ASN B 220 26.45 13.70 -13.32
N PHE B 221 25.55 14.57 -13.78
CA PHE B 221 24.10 14.59 -13.45
C PHE B 221 23.91 14.59 -11.92
N SER B 222 24.86 15.20 -11.20
CA SER B 222 24.87 15.24 -9.71
C SER B 222 24.45 16.66 -9.25
N LEU B 223 23.46 16.75 -8.34
CA LEU B 223 23.02 18.04 -7.71
C LEU B 223 24.12 18.51 -6.77
N ARG B 224 24.61 19.74 -6.92
CA ARG B 224 25.75 20.22 -6.10
C ARG B 224 25.28 21.28 -5.09
N GLY B 225 25.98 21.38 -3.96
CA GLY B 225 25.75 22.40 -2.92
C GLY B 225 25.58 23.78 -3.51
N GLU B 226 26.39 24.14 -4.50
CA GLU B 226 26.38 25.49 -5.11
C GLU B 226 24.98 25.81 -5.68
N ALA B 227 24.36 24.88 -6.43
CA ALA B 227 22.99 25.02 -6.98
C ALA B 227 21.96 25.28 -5.87
N LEU B 228 22.02 24.47 -4.80
CA LEU B 228 21.06 24.52 -3.66
C LEU B 228 21.21 25.87 -2.96
N GLN B 229 22.45 26.27 -2.63
CA GLN B 229 22.76 27.56 -1.92
C GLN B 229 22.14 28.72 -2.72
N LYS B 230 22.37 28.75 -4.04
CA LYS B 230 21.82 29.76 -4.99
C LYS B 230 20.29 29.81 -4.86
N ALA B 231 19.61 28.69 -5.14
CA ALA B 231 18.14 28.62 -5.21
C ALA B 231 17.61 29.23 -3.90
N ILE B 232 18.17 28.78 -2.76
CA ILE B 232 17.77 29.15 -1.37
C ILE B 232 17.83 30.68 -1.21
N GLU B 233 18.93 31.30 -1.60
CA GLU B 233 19.11 32.78 -1.46
C GLU B 233 18.08 33.49 -2.34
N GLU B 234 17.93 33.07 -3.59
CA GLU B 234 16.98 33.68 -4.55
C GLU B 234 15.55 33.53 -4.04
N ASP B 235 15.20 32.41 -3.39
CA ASP B 235 13.79 32.13 -3.03
C ASP B 235 13.45 32.97 -1.79
N LYS B 236 14.32 32.99 -0.77
CA LYS B 236 14.12 33.82 0.46
C LYS B 236 14.00 35.28 0.03
N GLN B 237 14.78 35.64 -0.97
CA GLN B 237 14.78 37.01 -1.53
C GLN B 237 13.36 37.23 -2.09
N ARG B 238 12.72 36.21 -2.63
CA ARG B 238 11.34 36.31 -3.17
C ARG B 238 10.26 36.26 -2.08
N GLY B 239 10.62 35.97 -0.84
CA GLY B 239 9.66 35.93 0.27
C GLY B 239 9.12 34.52 0.45
N LEU B 240 9.67 33.58 -0.31
CA LEU B 240 9.37 32.10 -0.21
C LEU B 240 10.11 31.51 1.00
N VAL B 241 9.68 30.38 1.55
CA VAL B 241 10.34 29.83 2.77
C VAL B 241 10.81 28.45 2.39
N PRO B 242 12.11 28.21 2.13
CA PRO B 242 12.65 26.88 1.88
C PRO B 242 12.34 25.94 3.04
N VAL B 243 12.08 24.65 2.77
CA VAL B 243 11.53 23.72 3.79
C VAL B 243 12.02 22.28 3.60
N PHE B 244 12.41 21.86 2.40
CA PHE B 244 12.63 20.43 2.10
C PHE B 244 13.62 20.31 0.96
N VAL B 245 14.55 19.34 1.01
CA VAL B 245 15.36 18.93 -0.16
C VAL B 245 15.22 17.44 -0.24
N CYS B 246 14.97 16.94 -1.44
CA CYS B 246 15.09 15.49 -1.69
C CYS B 246 16.36 15.35 -2.51
N ALA B 247 17.32 14.65 -1.95
CA ALA B 247 18.52 14.23 -2.74
C ALA B 247 18.35 12.77 -3.17
N THR B 248 18.77 12.48 -4.40
CA THR B 248 18.71 11.15 -5.00
C THR B 248 20.08 10.48 -4.99
N LEU B 249 20.13 9.26 -4.43
CA LEU B 249 21.23 8.30 -4.62
C LEU B 249 20.74 7.21 -5.57
N GLY B 250 21.08 7.31 -6.85
CA GLY B 250 20.70 6.37 -7.95
C GLY B 250 19.48 6.90 -8.70
N THR B 251 19.68 7.99 -9.46
CA THR B 251 18.64 8.59 -10.34
C THR B 251 18.14 7.52 -11.33
N THR B 252 16.85 7.55 -11.60
CA THR B 252 16.15 6.65 -12.54
C THR B 252 16.89 6.60 -13.88
N GLY B 253 17.10 7.76 -14.52
CA GLY B 253 17.60 7.87 -15.90
C GLY B 253 18.99 7.26 -16.07
N VAL B 254 20.01 7.76 -15.36
CA VAL B 254 21.46 7.37 -15.55
C VAL B 254 22.12 6.88 -14.26
N CYS B 255 21.36 6.69 -13.19
CA CYS B 255 21.95 6.25 -11.91
C CYS B 255 23.12 7.19 -11.55
N ALA B 256 22.86 8.49 -11.54
CA ALA B 256 23.72 9.52 -10.93
C ALA B 256 23.46 9.57 -9.41
N PHE B 257 24.32 10.30 -8.71
CA PHE B 257 24.28 10.45 -7.23
C PHE B 257 24.45 11.92 -6.86
N ASP B 258 23.45 12.46 -6.18
CA ASP B 258 23.50 13.86 -5.66
C ASP B 258 24.65 13.98 -4.67
N LEU B 260 25.71 14.61 -1.51
CA LEU B 260 25.31 14.63 -0.06
C LEU B 260 26.28 15.45 0.82
N SER B 261 27.58 15.37 0.62
CA SER B 261 28.54 15.99 1.59
C SER B 261 28.50 17.54 1.49
N GLU B 262 28.06 18.07 0.35
CA GLU B 262 27.73 19.50 0.12
C GLU B 262 26.28 19.82 0.51
N LEU B 263 25.30 19.01 0.09
CA LEU B 263 23.87 19.29 0.39
C LEU B 263 23.62 19.24 1.90
N GLY B 264 24.20 18.27 2.63
CA GLY B 264 23.90 18.08 4.06
C GLY B 264 24.14 19.37 4.83
N PRO B 265 25.41 19.87 4.93
CA PRO B 265 25.72 21.04 5.77
C PRO B 265 24.76 22.23 5.51
N ILE B 266 24.35 22.44 4.24
CA ILE B 266 23.41 23.53 3.81
C ILE B 266 22.03 23.30 4.44
N CYS B 267 21.46 22.11 4.29
CA CYS B 267 20.15 21.84 4.94
C CYS B 267 20.29 22.04 6.45
N ALA B 268 21.34 21.47 7.07
CA ALA B 268 21.57 21.62 8.52
C ALA B 268 21.68 23.13 8.87
N ARG B 269 22.49 23.93 8.16
CA ARG B 269 22.61 25.40 8.40
C ARG B 269 21.25 26.06 8.17
N GLU B 270 20.54 25.80 7.05
CA GLU B 270 19.28 26.52 6.69
C GLU B 270 18.02 25.84 7.30
N GLY B 271 18.17 24.84 8.16
CA GLY B 271 16.97 24.20 8.76
C GLY B 271 16.03 23.55 7.71
N LEU B 272 16.52 23.03 6.59
CA LEU B 272 15.65 22.31 5.62
C LEU B 272 15.75 20.82 5.93
N TRP B 273 14.60 20.17 5.89
CA TRP B 273 14.49 18.68 5.97
C TRP B 273 15.21 18.07 4.78
N LEU B 274 16.12 17.13 5.03
CA LEU B 274 16.86 16.47 3.93
C LEU B 274 16.49 14.99 3.92
N HIS B 275 15.70 14.64 2.92
CA HIS B 275 15.18 13.28 2.60
C HIS B 275 16.04 12.65 1.49
N ILE B 276 16.54 11.42 1.71
CA ILE B 276 17.38 10.69 0.73
C ILE B 276 16.54 9.63 -0.02
N ASP B 277 16.36 9.77 -1.33
CA ASP B 277 15.66 8.71 -2.14
C ASP B 277 16.80 7.86 -2.75
N ALA B 278 17.12 6.73 -2.15
CA ALA B 278 18.05 5.70 -2.64
C ALA B 278 17.27 4.42 -3.03
N ALA B 279 16.11 4.62 -3.66
CA ALA B 279 15.16 3.57 -4.08
C ALA B 279 15.96 2.38 -4.62
N TYR B 280 16.77 2.55 -5.66
CA TYR B 280 17.52 1.44 -6.27
C TYR B 280 18.89 1.27 -5.60
N ALA B 281 19.75 2.30 -5.60
CA ALA B 281 21.12 2.14 -5.09
C ALA B 281 21.13 1.75 -3.61
N GLY B 282 20.08 2.02 -2.83
CA GLY B 282 20.13 1.69 -1.39
C GLY B 282 20.65 0.28 -1.14
N THR B 283 20.17 -0.69 -1.92
CA THR B 283 20.65 -2.11 -1.88
C THR B 283 22.17 -2.17 -1.98
N ALA B 284 22.83 -1.42 -2.84
CA ALA B 284 24.30 -1.56 -3.01
C ALA B 284 25.02 -1.17 -1.70
N PHE B 285 24.41 -0.48 -0.74
CA PHE B 285 25.10 -0.09 0.51
C PHE B 285 25.24 -1.27 1.50
N LEU B 286 24.74 -2.47 1.19
CA LEU B 286 25.04 -3.70 1.94
C LEU B 286 26.54 -4.00 1.84
N CYS B 287 27.18 -3.50 0.77
CA CYS B 287 28.63 -3.74 0.44
C CYS B 287 29.43 -2.50 0.84
N PRO B 288 30.41 -2.60 1.75
CA PRO B 288 31.11 -1.40 2.23
C PRO B 288 31.69 -0.56 1.07
N GLU B 289 32.09 -1.18 -0.04
CA GLU B 289 32.89 -0.52 -1.12
C GLU B 289 32.04 0.47 -1.91
N PHE B 290 30.70 0.38 -1.87
CA PHE B 290 29.79 1.27 -2.66
C PHE B 290 29.30 2.43 -1.78
N ARG B 291 29.66 2.46 -0.50
CA ARG B 291 29.15 3.47 0.48
C ARG B 291 29.80 4.87 0.31
N GLY B 292 30.76 5.08 -0.62
CA GLY B 292 31.28 6.43 -0.91
C GLY B 292 30.17 7.41 -1.24
N PHE B 293 29.12 6.94 -1.93
CA PHE B 293 27.93 7.76 -2.33
C PHE B 293 27.10 8.16 -1.10
N LEU B 294 27.32 7.47 0.02
CA LEU B 294 26.55 7.61 1.27
C LEU B 294 27.13 8.76 2.09
N LYS B 295 28.39 9.05 1.83
CA LYS B 295 29.13 10.05 2.61
C LYS B 295 28.31 11.34 2.67
N GLY B 296 28.16 11.87 3.88
CA GLY B 296 27.25 12.96 4.19
C GLY B 296 25.90 12.49 4.65
N ILE B 297 25.70 11.18 4.84
CA ILE B 297 24.36 10.63 5.26
C ILE B 297 24.00 11.10 6.69
N GLU B 298 24.98 11.53 7.48
CA GLU B 298 24.77 11.91 8.90
C GLU B 298 23.77 13.08 8.99
N TYR B 299 23.65 13.86 7.89
CA TYR B 299 22.83 15.11 7.82
C TYR B 299 21.38 14.78 7.46
N ALA B 300 21.09 13.60 6.91
CA ALA B 300 19.74 13.29 6.44
C ALA B 300 18.76 13.31 7.63
N ASP B 301 17.56 13.84 7.38
CA ASP B 301 16.40 13.73 8.33
C ASP B 301 15.63 12.46 8.02
N SER B 302 15.74 11.95 6.77
CA SER B 302 15.11 10.65 6.41
C SER B 302 15.78 10.05 5.19
N PHE B 303 15.59 8.75 5.07
CA PHE B 303 16.17 7.88 4.04
C PHE B 303 15.12 6.79 3.75
N THR B 304 14.99 6.47 2.49
CA THR B 304 14.14 5.36 1.99
C THR B 304 14.91 4.65 0.90
N PHE B 305 14.66 3.38 0.76
CA PHE B 305 15.13 2.62 -0.40
C PHE B 305 14.20 1.42 -0.48
N ASN B 306 14.18 0.73 -1.60
CA ASN B 306 13.31 -0.44 -1.92
C ASN B 306 14.10 -1.74 -1.87
N PRO B 307 14.03 -2.52 -0.79
CA PRO B 307 14.33 -3.94 -0.90
C PRO B 307 13.51 -4.58 -2.06
N SER B 308 12.36 -3.99 -2.40
CA SER B 308 11.46 -4.45 -3.50
C SER B 308 12.09 -4.16 -4.86
N LYS B 309 13.28 -3.52 -4.96
CA LYS B 309 13.99 -3.36 -6.25
C LYS B 309 15.03 -4.49 -6.37
N TRP B 310 16.13 -4.45 -5.61
CA TRP B 310 17.35 -5.22 -5.98
C TRP B 310 17.69 -6.27 -4.92
N MET B 311 16.93 -6.28 -3.83
CA MET B 311 17.33 -7.11 -2.67
C MET B 311 16.51 -8.38 -2.57
N MET B 312 15.64 -8.67 -3.55
CA MET B 312 15.03 -10.03 -3.75
C MET B 312 13.84 -10.23 -2.78
N VAL B 313 13.29 -9.14 -2.27
CA VAL B 313 11.96 -9.17 -1.59
C VAL B 313 10.95 -8.76 -2.65
N HIS B 314 9.91 -9.60 -2.89
CA HIS B 314 8.83 -9.29 -3.83
C HIS B 314 8.12 -8.06 -3.29
N PHE B 315 7.57 -7.26 -4.20
CA PHE B 315 6.78 -6.04 -3.91
C PHE B 315 5.47 -6.35 -3.19
N ASP B 316 5.10 -5.56 -2.16
CA ASP B 316 5.68 -4.32 -1.64
C ASP B 316 6.62 -4.50 -0.45
N CYS B 317 7.66 -3.67 -0.39
CA CYS B 317 8.59 -3.64 0.75
C CYS B 317 9.57 -2.49 0.54
N THR B 318 9.21 -1.34 1.12
CA THR B 318 10.04 -0.13 1.18
C THR B 318 10.49 0.13 2.63
N GLY B 319 11.78 0.35 2.82
CA GLY B 319 12.33 0.84 4.08
C GLY B 319 12.27 2.37 4.14
N PHE B 320 11.76 2.91 5.26
CA PHE B 320 11.70 4.35 5.57
C PHE B 320 12.20 4.58 7.01
N TRP B 321 13.24 5.40 7.12
CA TRP B 321 13.85 5.83 8.41
C TRP B 321 13.72 7.34 8.60
N VAL B 322 13.36 7.75 9.82
CA VAL B 322 13.31 9.15 10.22
C VAL B 322 14.25 9.31 11.38
N LYS B 323 14.80 10.49 11.49
CA LYS B 323 15.72 10.86 12.59
C LYS B 323 14.88 11.14 13.80
N ASP B 324 13.70 11.76 13.54
CA ASP B 324 12.81 12.35 14.56
C ASP B 324 11.34 11.81 14.40
N LYS B 325 11.03 10.74 15.10
CA LYS B 325 9.71 10.07 15.02
C LYS B 325 8.58 10.99 15.49
N TYR B 326 8.86 11.99 16.33
CA TYR B 326 7.84 12.88 16.91
C TYR B 326 7.38 13.81 15.79
N LYS B 327 8.30 14.39 15.00
CA LYS B 327 7.96 15.17 13.77
C LYS B 327 7.10 14.32 12.85
N LEU B 328 7.49 13.08 12.60
CA LEU B 328 6.73 12.19 11.72
C LEU B 328 5.31 12.02 12.30
N GLN B 329 5.17 11.69 13.58
CA GLN B 329 3.84 11.43 14.22
C GLN B 329 2.97 12.70 14.31
N GLN B 330 3.56 13.91 14.48
CA GLN B 330 2.76 15.19 14.57
C GLN B 330 2.10 15.42 13.22
N THR B 331 2.66 14.87 12.14
CA THR B 331 2.09 15.04 10.79
C THR B 331 0.67 14.44 10.78
N PHE B 332 0.48 13.33 11.51
CA PHE B 332 -0.63 12.36 11.36
C PHE B 332 -1.43 12.10 12.62
N SER B 333 -1.11 12.79 13.69
CA SER B 333 -1.85 12.71 14.98
C SER B 333 -2.26 14.12 15.34
N VAL B 334 -3.55 14.29 15.66
CA VAL B 334 -4.27 15.60 15.81
C VAL B 334 -3.76 16.38 17.04
N ASN B 335 -3.24 15.63 18.03
CA ASN B 335 -2.32 16.04 19.13
C ASN B 335 -1.12 16.79 18.53
N ALA B 347 4.42 1.66 23.96
CA ALA B 347 4.18 0.71 22.81
C ALA B 347 4.25 1.50 21.48
N THR B 348 4.98 1.06 20.42
CA THR B 348 4.94 1.82 19.15
C THR B 348 3.71 1.44 18.36
N ASP B 349 2.99 2.45 17.91
CA ASP B 349 1.80 2.26 17.05
C ASP B 349 2.14 2.79 15.65
N PHE B 350 2.32 1.93 14.66
CA PHE B 350 2.88 2.37 13.35
C PHE B 350 1.84 3.15 12.51
N MET B 351 0.57 3.05 12.89
CA MET B 351 -0.47 3.92 12.30
C MET B 351 0.01 5.39 12.33
N HIS B 352 0.81 5.85 13.30
CA HIS B 352 1.21 7.28 13.37
C HIS B 352 2.46 7.55 12.53
N TRP B 353 3.08 6.52 11.92
CA TRP B 353 4.27 6.68 11.06
C TRP B 353 3.90 6.56 9.59
N GLN B 354 2.61 6.64 9.21
CA GLN B 354 2.16 6.29 7.82
C GLN B 354 0.83 7.03 7.51
N ILE B 355 0.46 7.06 6.26
CA ILE B 355 -0.85 7.62 5.83
C ILE B 355 -2.02 6.73 6.29
N PRO B 356 -2.04 5.42 5.92
CA PRO B 356 -3.24 4.65 6.21
C PRO B 356 -3.38 4.29 7.71
N LEU B 357 -4.45 3.63 8.07
CA LEU B 357 -4.59 2.91 9.39
C LEU B 357 -4.04 1.49 9.28
N SER B 358 -4.72 0.55 8.61
CA SER B 358 -4.27 -0.85 8.51
C SER B 358 -2.84 -0.94 7.91
N ARG B 359 -2.11 -1.96 8.29
CA ARG B 359 -0.83 -2.34 7.68
C ARG B 359 -0.70 -3.81 7.97
N ARG B 360 -0.05 -4.50 7.06
CA ARG B 360 0.09 -5.97 7.10
C ARG B 360 1.50 -6.32 7.56
N PHE B 361 1.74 -7.62 7.66
CA PHE B 361 2.91 -8.15 8.40
C PHE B 361 4.01 -8.35 7.36
N ARG B 362 4.35 -7.30 6.65
CA ARG B 362 5.38 -7.42 5.57
C ARG B 362 6.77 -7.85 6.11
N SER B 363 7.03 -7.78 7.43
CA SER B 363 8.39 -7.98 7.98
C SER B 363 8.76 -9.44 7.89
N VAL B 364 7.80 -10.35 7.72
CA VAL B 364 8.08 -11.79 7.71
C VAL B 364 8.91 -12.12 6.48
N LYS B 365 8.54 -11.62 5.30
CA LYS B 365 9.22 -11.97 4.03
C LYS B 365 10.62 -11.35 4.07
N LEU B 366 10.72 -10.14 4.63
CA LEU B 366 12.01 -9.42 4.73
C LEU B 366 12.94 -10.21 5.64
N TRP B 367 12.46 -10.61 6.80
CA TRP B 367 13.26 -11.45 7.73
C TRP B 367 13.69 -12.75 7.04
N PHE B 368 12.75 -13.53 6.43
CA PHE B 368 13.04 -14.79 5.71
C PHE B 368 14.13 -14.56 4.67
N VAL B 369 14.07 -13.48 3.90
CA VAL B 369 15.11 -13.25 2.85
C VAL B 369 16.49 -13.05 3.49
N ILE B 370 16.59 -12.15 4.49
CA ILE B 370 17.85 -11.74 5.15
C ILE B 370 18.45 -12.98 5.81
N ARG B 371 17.62 -13.82 6.42
CA ARG B 371 18.10 -15.01 7.18
C ARG B 371 18.45 -16.11 6.17
N SER B 372 17.69 -16.24 5.09
CA SER B 372 17.82 -17.38 4.13
C SER B 372 19.13 -17.23 3.30
N PHE B 373 19.39 -16.02 2.82
CA PHE B 373 20.59 -15.62 2.07
C PHE B 373 21.74 -15.34 3.01
N GLY B 374 21.51 -14.61 4.10
CA GLY B 374 22.57 -14.13 5.00
C GLY B 374 23.20 -12.90 4.39
N VAL B 375 23.84 -12.03 5.17
CA VAL B 375 24.41 -10.78 4.58
C VAL B 375 25.38 -11.14 3.45
N LYS B 376 26.16 -12.22 3.56
CA LYS B 376 27.33 -12.46 2.67
C LYS B 376 26.78 -12.82 1.31
N ASN B 377 25.64 -13.48 1.24
CA ASN B 377 25.12 -13.84 -0.10
C ASN B 377 24.33 -12.70 -0.74
N LEU B 378 23.68 -11.86 0.05
CA LEU B 378 23.05 -10.61 -0.46
C LEU B 378 24.17 -9.75 -1.07
N GLN B 379 25.23 -9.52 -0.30
CA GLN B 379 26.48 -8.87 -0.78
C GLN B 379 26.98 -9.46 -2.10
N ALA B 380 27.03 -10.80 -2.24
CA ALA B 380 27.56 -11.48 -3.45
C ALA B 380 26.58 -11.27 -4.63
N HIS B 381 25.28 -11.18 -4.38
CA HIS B 381 24.23 -10.85 -5.40
C HIS B 381 24.48 -9.43 -5.96
N VAL B 382 24.62 -8.42 -5.08
CA VAL B 382 24.90 -7.03 -5.54
C VAL B 382 26.19 -7.03 -6.39
N ARG B 383 27.25 -7.70 -5.96
CA ARG B 383 28.56 -7.72 -6.67
C ARG B 383 28.37 -8.41 -8.04
N HIS B 384 27.64 -9.54 -8.11
CA HIS B 384 27.45 -10.29 -9.39
C HIS B 384 26.69 -9.41 -10.39
N GLY B 385 25.56 -8.86 -9.95
CA GLY B 385 24.72 -7.94 -10.71
C GLY B 385 25.58 -6.84 -11.30
N THR B 386 26.37 -6.18 -10.44
CA THR B 386 27.31 -5.12 -10.87
C THR B 386 28.34 -5.67 -11.91
N GLU B 387 28.99 -6.82 -11.66
CA GLU B 387 29.89 -7.51 -12.64
C GLU B 387 29.15 -7.79 -13.96
N MET B 388 27.83 -8.11 -13.98
CA MET B 388 27.11 -8.36 -15.28
C MET B 388 26.90 -7.01 -16.03
N ALA B 389 26.67 -5.91 -15.32
CA ALA B 389 26.55 -4.57 -15.94
C ALA B 389 27.92 -4.13 -16.50
N LYS B 390 28.99 -4.46 -15.80
CA LYS B 390 30.41 -4.20 -16.16
C LYS B 390 30.71 -4.87 -17.50
N TYR B 391 30.32 -6.13 -17.58
CA TYR B 391 30.47 -7.00 -18.78
C TYR B 391 29.70 -6.37 -19.95
N PHE B 392 28.41 -6.06 -19.74
CA PHE B 392 27.63 -5.32 -20.76
C PHE B 392 28.38 -4.04 -21.18
N GLU B 393 28.77 -3.21 -20.19
CA GLU B 393 29.45 -1.92 -20.50
C GLU B 393 30.65 -2.20 -21.42
N SER B 394 31.45 -3.24 -21.15
CA SER B 394 32.65 -3.60 -21.95
C SER B 394 32.26 -4.08 -23.38
N LEU B 395 31.06 -4.62 -23.60
CA LEU B 395 30.63 -4.98 -24.97
C LEU B 395 30.25 -3.69 -25.72
N VAL B 396 29.47 -2.80 -25.11
CA VAL B 396 29.17 -1.51 -25.77
C VAL B 396 30.51 -0.79 -26.04
N ARG B 397 31.47 -0.84 -25.11
CA ARG B 397 32.62 0.06 -25.15
C ARG B 397 33.55 -0.27 -26.35
N ASN B 398 33.50 -1.50 -26.91
CA ASN B 398 34.43 -2.03 -27.94
C ASN B 398 33.83 -1.89 -29.33
N ASP B 399 32.52 -1.65 -29.34
CA ASP B 399 31.75 -1.36 -30.56
C ASP B 399 31.75 0.16 -30.79
N PRO B 400 32.33 0.65 -31.91
CA PRO B 400 32.52 2.09 -32.12
C PRO B 400 31.26 2.81 -32.67
N SER B 401 30.14 2.10 -33.00
CA SER B 401 28.84 2.72 -33.41
C SER B 401 28.08 3.27 -32.21
N PHE B 402 28.52 2.96 -30.99
CA PHE B 402 27.86 3.31 -29.70
C PHE B 402 28.77 4.18 -28.80
N GLU B 403 28.15 5.10 -28.07
CA GLU B 403 28.75 5.95 -27.00
C GLU B 403 27.99 5.65 -25.67
N ILE B 404 28.67 5.86 -24.55
CA ILE B 404 28.18 5.63 -23.17
C ILE B 404 28.26 6.98 -22.50
N PRO B 405 27.13 7.76 -22.51
CA PRO B 405 27.16 9.16 -22.10
C PRO B 405 27.01 9.40 -20.59
N ALA B 406 26.91 8.37 -19.76
CA ALA B 406 27.11 8.56 -18.32
C ALA B 406 27.86 7.37 -17.75
N LYS B 407 28.41 7.53 -16.55
CA LYS B 407 29.19 6.50 -15.84
C LYS B 407 28.24 5.44 -15.25
N ARG B 408 28.58 4.17 -15.45
CA ARG B 408 27.93 3.04 -14.75
C ARG B 408 28.58 2.89 -13.37
N HIS B 409 27.82 3.17 -12.33
CA HIS B 409 28.25 2.94 -10.93
C HIS B 409 27.75 1.56 -10.45
N LEU B 410 26.58 1.11 -10.90
CA LEU B 410 25.98 -0.15 -10.36
C LEU B 410 25.54 -1.04 -11.50
N GLY B 411 24.28 -1.46 -11.49
CA GLY B 411 23.79 -2.45 -12.46
C GLY B 411 23.12 -1.82 -13.67
N LEU B 412 23.09 -0.47 -13.75
CA LEU B 412 22.61 0.29 -14.93
C LEU B 412 23.74 0.84 -15.85
N VAL B 413 23.60 0.49 -17.13
CA VAL B 413 24.44 1.02 -18.26
C VAL B 413 23.51 1.77 -19.21
N VAL B 414 23.84 3.03 -19.54
CA VAL B 414 23.11 3.82 -20.58
C VAL B 414 24.01 3.98 -21.83
N PHE B 415 23.39 3.91 -23.01
CA PHE B 415 24.12 3.97 -24.29
C PHE B 415 23.18 4.45 -25.40
N ARG B 416 23.72 4.64 -26.60
CA ARG B 416 22.93 5.04 -27.79
C ARG B 416 23.72 4.78 -29.06
N LEU B 417 23.05 4.66 -30.19
CA LEU B 417 23.76 4.83 -31.49
C LEU B 417 24.22 6.28 -31.60
N LYS B 418 25.53 6.44 -31.89
CA LYS B 418 26.19 7.67 -32.42
C LYS B 418 25.48 8.16 -33.68
N GLY B 419 25.27 9.45 -33.81
CA GLY B 419 24.45 10.04 -34.88
C GLY B 419 23.18 10.53 -34.23
N PRO B 420 22.10 10.87 -34.97
CA PRO B 420 20.88 11.39 -34.33
C PRO B 420 20.04 10.37 -33.52
N ASN B 421 19.00 10.93 -32.89
CA ASN B 421 18.06 10.20 -32.03
C ASN B 421 17.24 9.23 -32.87
N SER B 422 17.00 9.54 -34.13
CA SER B 422 16.19 8.70 -35.03
C SER B 422 16.76 7.26 -35.04
N LEU B 423 18.10 7.11 -34.98
CA LEU B 423 18.85 5.82 -35.07
C LEU B 423 18.56 4.93 -33.86
N THR B 424 18.77 5.48 -32.67
CA THR B 424 18.52 4.85 -31.35
C THR B 424 17.03 4.48 -31.30
N GLU B 425 16.13 5.43 -31.53
CA GLU B 425 14.64 5.23 -31.49
C GLU B 425 14.28 4.03 -32.37
N ASN B 426 14.91 3.91 -33.55
CA ASN B 426 14.51 2.88 -34.56
C ASN B 426 15.08 1.53 -34.10
N VAL B 427 16.24 1.56 -33.44
CA VAL B 427 16.86 0.32 -32.87
C VAL B 427 15.87 -0.22 -31.82
N LEU B 428 15.42 0.64 -30.92
CA LEU B 428 14.40 0.23 -29.91
C LEU B 428 13.13 -0.31 -30.61
N LYS B 429 12.59 0.40 -31.61
CA LYS B 429 11.34 -0.01 -32.33
C LYS B 429 11.54 -1.39 -32.96
N GLU B 430 12.76 -1.71 -33.38
CA GLU B 430 13.15 -3.01 -33.97
C GLU B 430 13.21 -4.11 -32.89
N ILE B 431 13.92 -3.86 -31.81
CA ILE B 431 14.03 -4.79 -30.64
C ILE B 431 12.63 -5.12 -30.09
N ALA B 432 11.75 -4.12 -29.94
CA ALA B 432 10.35 -4.23 -29.45
C ALA B 432 9.52 -5.18 -30.35
N LYS B 433 9.91 -5.35 -31.61
CA LYS B 433 9.08 -6.16 -32.52
C LYS B 433 9.06 -7.62 -32.05
N ALA B 434 10.18 -8.22 -31.63
CA ALA B 434 10.18 -9.63 -31.10
C ALA B 434 9.94 -9.70 -29.55
N GLY B 435 10.20 -8.61 -28.81
CA GLY B 435 10.06 -8.54 -27.34
C GLY B 435 10.95 -9.55 -26.62
N ARG B 436 12.09 -9.96 -27.19
CA ARG B 436 12.94 -11.00 -26.57
C ARG B 436 13.70 -10.36 -25.43
N LEU B 437 13.88 -9.05 -25.49
CA LEU B 437 14.26 -8.31 -24.28
C LEU B 437 13.37 -7.06 -24.20
N PHE B 438 13.17 -6.57 -22.98
CA PHE B 438 12.32 -5.41 -22.74
C PHE B 438 13.25 -4.23 -22.46
N LEU B 439 13.23 -3.19 -23.32
CA LEU B 439 13.96 -1.89 -23.14
C LEU B 439 12.96 -0.74 -23.19
N ILE B 440 13.17 0.32 -22.43
CA ILE B 440 12.35 1.57 -22.47
C ILE B 440 13.24 2.74 -22.86
N PRO B 441 12.78 3.55 -23.85
CA PRO B 441 13.47 4.75 -24.27
C PRO B 441 13.61 5.61 -23.02
N ALA B 442 14.77 6.22 -22.75
CA ALA B 442 14.83 7.40 -21.88
C ALA B 442 15.65 8.51 -22.57
N THR B 443 15.87 9.63 -21.88
CA THR B 443 16.52 10.86 -22.41
C THR B 443 17.31 11.59 -21.34
N ILE B 444 18.61 11.78 -21.54
CA ILE B 444 19.39 12.84 -20.84
C ILE B 444 19.54 14.00 -21.81
N GLN B 445 19.02 15.18 -21.43
CA GLN B 445 19.18 16.44 -22.18
C GLN B 445 18.40 16.26 -23.49
N ASP B 446 18.97 16.58 -24.63
CA ASP B 446 18.34 16.23 -25.94
C ASP B 446 18.55 14.74 -26.29
N LYS B 447 19.54 14.03 -25.68
CA LYS B 447 20.11 12.74 -26.21
C LYS B 447 19.27 11.51 -25.78
N LEU B 448 18.54 10.95 -26.74
CA LEU B 448 17.74 9.69 -26.59
C LEU B 448 18.72 8.54 -26.33
N ILE B 449 18.52 7.82 -25.22
CA ILE B 449 19.41 6.70 -24.77
C ILE B 449 18.59 5.44 -24.55
N ILE B 450 19.34 4.36 -24.60
CA ILE B 450 18.86 3.04 -24.14
C ILE B 450 19.37 2.83 -22.72
N ARG B 451 18.44 2.56 -21.82
CA ARG B 451 18.70 2.02 -20.48
C ARG B 451 18.76 0.49 -20.53
N PHE B 452 19.87 -0.05 -20.02
CA PHE B 452 20.08 -1.49 -19.84
C PHE B 452 20.31 -1.77 -18.37
N THR B 453 19.29 -2.27 -17.69
CA THR B 453 19.31 -2.64 -16.24
C THR B 453 19.54 -4.16 -16.11
N VAL B 454 20.55 -4.57 -15.33
CA VAL B 454 20.70 -5.97 -14.88
C VAL B 454 19.66 -6.16 -13.79
N THR B 455 18.83 -7.17 -13.99
CA THR B 455 17.70 -7.52 -13.11
C THR B 455 18.00 -8.84 -12.37
N SER B 456 17.57 -9.97 -12.95
CA SER B 456 17.49 -11.30 -12.28
C SER B 456 18.76 -11.61 -11.50
N GLN B 457 18.57 -12.15 -10.31
CA GLN B 457 19.74 -12.62 -9.52
C GLN B 457 20.38 -13.82 -10.23
N PHE B 458 19.64 -14.53 -11.11
CA PHE B 458 20.17 -15.70 -11.88
C PHE B 458 20.82 -15.21 -13.19
N THR B 459 20.88 -13.90 -13.48
CA THR B 459 21.59 -13.38 -14.68
C THR B 459 23.03 -13.96 -14.80
N THR B 460 23.41 -14.36 -16.02
CA THR B 460 24.73 -14.97 -16.33
C THR B 460 25.41 -14.15 -17.41
N ARG B 461 26.72 -14.40 -17.64
CA ARG B 461 27.49 -13.85 -18.76
C ARG B 461 26.84 -14.24 -20.09
N ASP B 462 26.37 -15.48 -20.22
CA ASP B 462 25.61 -15.94 -21.41
C ASP B 462 24.39 -15.03 -21.67
N ASP B 463 23.56 -14.82 -20.64
CA ASP B 463 22.37 -13.93 -20.72
C ASP B 463 22.80 -12.53 -21.23
N ILE B 464 23.83 -11.93 -20.65
CA ILE B 464 24.30 -10.58 -21.07
C ILE B 464 24.69 -10.61 -22.54
N LEU B 465 25.54 -11.56 -22.94
CA LEU B 465 26.00 -11.67 -24.37
C LEU B 465 24.79 -11.88 -25.29
N ARG B 466 23.93 -12.81 -24.95
CA ARG B 466 22.72 -13.07 -25.78
C ARG B 466 21.96 -11.73 -25.94
N ASP B 467 21.69 -11.00 -24.84
CA ASP B 467 20.98 -9.68 -24.96
C ASP B 467 21.80 -8.68 -25.80
N TRP B 468 23.10 -8.54 -25.57
CA TRP B 468 23.92 -7.61 -26.39
C TRP B 468 23.80 -7.99 -27.88
N ASN B 469 23.84 -9.28 -28.20
CA ASN B 469 23.83 -9.76 -29.61
C ASN B 469 22.54 -9.35 -30.32
N LEU B 470 21.43 -9.29 -29.59
CA LEU B 470 20.14 -8.87 -30.22
C LEU B 470 20.12 -7.34 -30.42
N ILE B 471 20.72 -6.57 -29.50
CA ILE B 471 20.91 -5.09 -29.66
C ILE B 471 21.87 -4.89 -30.84
N ARG B 472 22.99 -5.62 -30.92
CA ARG B 472 23.90 -5.54 -32.10
C ARG B 472 23.10 -5.79 -33.40
N ASP B 473 22.42 -6.95 -33.54
CA ASP B 473 21.63 -7.30 -34.74
C ASP B 473 20.70 -6.13 -35.10
N ALA B 474 19.99 -5.52 -34.13
CA ALA B 474 19.03 -4.44 -34.48
C ALA B 474 19.81 -3.21 -34.97
N ALA B 475 20.98 -2.91 -34.40
CA ALA B 475 21.85 -1.79 -34.82
C ALA B 475 22.41 -2.07 -36.23
N THR B 476 22.97 -3.27 -36.49
CA THR B 476 23.44 -3.76 -37.84
C THR B 476 22.30 -3.47 -38.84
N LEU B 477 21.06 -3.88 -38.55
CA LEU B 477 19.90 -3.60 -39.45
C LEU B 477 19.66 -2.08 -39.59
N ILE B 478 19.43 -1.35 -38.49
CA ILE B 478 18.98 0.07 -38.56
C ILE B 478 19.99 0.83 -39.44
N LEU B 479 21.28 0.50 -39.28
CA LEU B 479 22.44 1.27 -39.80
C LEU B 479 22.60 1.06 -41.32
N SER B 480 22.11 -0.05 -41.88
CA SER B 480 22.20 -0.35 -43.33
C SER B 480 21.03 0.29 -44.08
N GLN B 481 19.94 0.69 -43.41
CA GLN B 481 18.66 1.18 -44.02
C GLN B 481 18.81 2.61 -44.58
#